data_3D7F
#
_entry.id   3D7F
#
_cell.length_a   101.434
_cell.length_b   130.059
_cell.length_c   158.543
_cell.angle_alpha   90.00
_cell.angle_beta   90.00
_cell.angle_gamma   90.00
#
_symmetry.space_group_name_H-M   'I 2 2 2'
#
loop_
_entity.id
_entity.type
_entity.pdbx_description
1 polymer 'Glutamate carboxypeptidase 2'
2 branched 2-acetamido-2-deoxy-beta-D-glucopyranose-(1-4)-2-acetamido-2-deoxy-beta-D-glucopyranose
3 branched beta-D-mannopyranose-(1-4)-2-acetamido-2-deoxy-beta-D-glucopyranose-(1-4)-2-acetamido-2-deoxy-beta-D-glucopyranose
4 branched alpha-D-mannopyranose-(1-3)-beta-D-mannopyranose-(1-4)-2-acetamido-2-deoxy-beta-D-glucopyranose-(1-4)-2-acetamido-2-deoxy-beta-D-glucopyranose
5 non-polymer 2-acetamido-2-deoxy-beta-D-glucopyranose
6 non-polymer 'ZINC ION'
7 non-polymer 'CALCIUM ION'
8 non-polymer 'CHLORIDE ION'
9 non-polymer 'N-{[(1S)-1-carboxy-2-(4-hydroxy-3-iodophenyl)ethyl]carbamoyl}-L-glutamic acid'
10 water water
#
_entity_poly.entity_id   1
_entity_poly.type   'polypeptide(L)'
_entity_poly.pdbx_seq_one_letter_code
;RSKSSNEATNITPKHNMKAFLDELKAENIKKFLYNFTQIPHLAGTEQNFQLAKQIQSQWKEFGLDSVELAHYDVLLSYPN
KTHPNYISIINEDGNEIFNTSLFEPPPPGYENVSDIVPPFSAFSPQGMPEGDLVYVNYARTEDFFKLERDMKINCSGKIV
IARYGKVFRGNKVKNAQLAGAKGVILYSDPADYFAPGVKSYPDGWNLPGGGVQRGNILNLNGAGDPLTPGYPANEYAYRR
GIAEAVGLPSIPVHPIGYYDAQKLLEKMGGSAPPDSSWRGSLKVPYNVGPGFTGNFSTQKVKMHIHSTNEVTRIYNVIGT
LRGAVEPDRYVILGGHRDSWVFGGIDPQSGAAVVHEIVRSFGTLKKEGWRPRRTILFASWDAEEFGLLGSTEWAEENSRL
LQERGVAYINADSSIEGNYTLRVDCTPLMYSLVHNLTKELKSPDEGFEGKSLYESWTKKSPSPEFSGMPRISKLGSGNDF
EVFFQRLGIASGRARYTKNWETNKFSGYPLYHSVYETYELVEKFYDPMFKYHLTVAQVRGGMVFELANSIVLPFDCRDYA
VVLRKYADKIYSISMKHPQEMKTYSVSFDSLFSAVKNFTEIASKFSERLQDFDKSNPIVLRMMNDQLMFLERAFIDPLGL
PDRPFYRHVIYAPSSHNKYAGESFPGIYDALFDIESKVDPSKAWGEVKRQIYVAAFTVQAAAETLSEVA
;
_entity_poly.pdbx_strand_id   A
#
loop_
_chem_comp.id
_chem_comp.type
_chem_comp.name
_chem_comp.formula
BMA D-saccharide, beta linking beta-D-mannopyranose 'C6 H12 O6'
CA non-polymer 'CALCIUM ION' 'Ca 2'
CL non-polymer 'CHLORIDE ION' 'Cl -1'
MAN D-saccharide, alpha linking alpha-D-mannopyranose 'C6 H12 O6'
NAG D-saccharide, beta linking 2-acetamido-2-deoxy-beta-D-glucopyranose 'C8 H15 N O6'
YBY non-polymer 'N-{[(1S)-1-carboxy-2-(4-hydroxy-3-iodophenyl)ethyl]carbamoyl}-L-glutamic acid' 'C15 H17 I N2 O8'
ZN non-polymer 'ZINC ION' 'Zn 2'
#
# COMPACT_ATOMS: atom_id res chain seq x y z
N LYS A 14 19.52 -26.49 19.26
CA LYS A 14 18.99 -25.22 19.84
C LYS A 14 17.79 -24.66 19.06
N HIS A 15 16.94 -23.93 19.78
CA HIS A 15 15.81 -23.25 19.16
C HIS A 15 16.09 -21.74 19.17
N ASN A 16 16.77 -21.28 18.13
CA ASN A 16 17.14 -19.89 17.98
C ASN A 16 16.70 -19.42 16.58
N MET A 17 17.11 -18.22 16.18
CA MET A 17 16.63 -17.73 14.90
C MET A 17 17.16 -18.62 13.78
N LYS A 18 18.40 -19.07 13.90
CA LYS A 18 18.97 -19.93 12.86
C LYS A 18 18.12 -21.20 12.63
N ALA A 19 17.68 -21.83 13.71
CA ALA A 19 16.78 -22.98 13.64
C ALA A 19 15.53 -22.63 12.84
N PHE A 20 14.94 -21.49 13.20
CA PHE A 20 13.77 -21.02 12.46
C PHE A 20 14.04 -20.79 10.95
N LEU A 21 15.08 -20.04 10.66
CA LEU A 21 15.41 -19.68 9.29
C LEU A 21 15.74 -20.91 8.44
N ASP A 22 16.45 -21.88 9.02
CA ASP A 22 16.89 -23.07 8.26
C ASP A 22 15.74 -23.97 7.90
N GLU A 23 14.66 -23.91 8.67
CA GLU A 23 13.51 -24.71 8.41
C GLU A 23 12.72 -24.24 7.17
N LEU A 24 12.84 -22.96 6.81
CA LEU A 24 12.10 -22.40 5.66
C LEU A 24 12.66 -23.06 4.38
N LYS A 25 11.77 -23.50 3.47
CA LYS A 25 12.22 -24.15 2.23
C LYS A 25 11.60 -23.49 0.99
N ALA A 26 12.43 -23.15 0.02
CA ALA A 26 11.96 -22.65 -1.27
C ALA A 26 10.96 -23.58 -1.91
N GLU A 27 11.19 -24.89 -1.79
CA GLU A 27 10.32 -25.90 -2.41
C GLU A 27 8.90 -25.84 -1.83
N ASN A 28 8.79 -25.52 -0.54
CA ASN A 28 7.48 -25.43 0.09
C ASN A 28 6.75 -24.17 -0.36
N ILE A 29 7.48 -23.07 -0.48
CA ILE A 29 6.85 -21.83 -0.94
C ILE A 29 6.30 -22.05 -2.36
N LYS A 30 7.09 -22.74 -3.21
CA LYS A 30 6.63 -23.09 -4.57
C LYS A 30 5.36 -23.91 -4.57
N LYS A 31 5.32 -24.96 -3.74
CA LYS A 31 4.13 -25.81 -3.65
C LYS A 31 2.90 -25.02 -3.17
N PHE A 32 3.09 -24.17 -2.15
CA PHE A 32 1.95 -23.38 -1.68
C PHE A 32 1.50 -22.36 -2.75
N LEU A 33 2.46 -21.75 -3.43
CA LEU A 33 2.07 -20.78 -4.48
C LEU A 33 1.21 -21.47 -5.53
N TYR A 34 1.67 -22.63 -6.01
CA TYR A 34 0.89 -23.36 -6.99
C TYR A 34 -0.53 -23.64 -6.43
N ASN A 35 -0.59 -24.10 -5.18
CA ASN A 35 -1.85 -24.47 -4.58
C ASN A 35 -2.84 -23.28 -4.48
N PHE A 36 -2.28 -22.09 -4.28
CA PHE A 36 -3.13 -20.90 -4.03
C PHE A 36 -3.54 -20.16 -5.30
N THR A 37 -3.06 -20.61 -6.49
CA THR A 37 -3.28 -19.81 -7.69
C THR A 37 -3.96 -20.54 -8.85
N GLN A 38 -4.62 -21.65 -8.57
CA GLN A 38 -5.26 -22.45 -9.65
C GLN A 38 -6.61 -21.93 -10.08
N ILE A 39 -7.30 -21.26 -9.15
CA ILE A 39 -8.62 -20.69 -9.40
C ILE A 39 -8.63 -19.26 -8.85
N PRO A 40 -9.55 -18.39 -9.34
CA PRO A 40 -9.64 -17.02 -8.78
C PRO A 40 -10.13 -17.06 -7.34
N HIS A 41 -9.61 -16.14 -6.51
CA HIS A 41 -10.07 -16.00 -5.15
C HIS A 41 -10.55 -14.56 -4.87
N LEU A 42 -11.53 -14.11 -5.64
CA LEU A 42 -12.07 -12.76 -5.51
C LEU A 42 -12.78 -12.63 -4.16
N ALA A 43 -12.53 -11.49 -3.48
CA ALA A 43 -13.20 -11.30 -2.18
C ALA A 43 -14.69 -11.44 -2.33
N GLY A 44 -15.30 -12.07 -1.32
CA GLY A 44 -16.74 -12.23 -1.28
C GLY A 44 -17.23 -13.43 -2.03
N THR A 45 -16.36 -14.12 -2.77
CA THR A 45 -16.83 -15.31 -3.48
C THR A 45 -16.61 -16.62 -2.71
N GLU A 46 -17.35 -17.67 -3.13
CA GLU A 46 -17.24 -18.96 -2.47
C GLU A 46 -15.82 -19.54 -2.48
N GLN A 47 -15.13 -19.39 -3.62
CA GLN A 47 -13.79 -19.89 -3.76
C GLN A 47 -12.84 -19.30 -2.71
N ASN A 48 -13.03 -18.01 -2.38
CA ASN A 48 -12.16 -17.38 -1.40
C ASN A 48 -12.51 -17.83 0.03
N PHE A 49 -13.79 -18.13 0.29
CA PHE A 49 -14.20 -18.68 1.58
C PHE A 49 -13.62 -20.09 1.69
N GLN A 50 -13.68 -20.88 0.62
CA GLN A 50 -13.03 -22.20 0.70
C GLN A 50 -11.54 -22.15 0.95
N LEU A 51 -10.84 -21.20 0.33
CA LEU A 51 -9.43 -21.09 0.61
C LEU A 51 -9.20 -20.63 2.10
N ALA A 52 -10.02 -19.69 2.60
CA ALA A 52 -9.93 -19.34 4.04
C ALA A 52 -10.05 -20.55 4.95
N LYS A 53 -11.01 -21.41 4.65
CA LYS A 53 -11.15 -22.64 5.48
C LYS A 53 -9.96 -23.60 5.33
N GLN A 54 -9.41 -23.68 4.12
CA GLN A 54 -8.19 -24.47 3.91
C GLN A 54 -7.02 -23.95 4.75
N ILE A 55 -6.76 -22.63 4.70
CA ILE A 55 -5.67 -22.06 5.46
C ILE A 55 -5.90 -22.23 6.98
N GLN A 56 -7.14 -22.06 7.41
CA GLN A 56 -7.46 -22.22 8.83
C GLN A 56 -7.09 -23.68 9.23
N SER A 57 -7.55 -24.66 8.46
CA SER A 57 -7.20 -26.07 8.75
C SER A 57 -5.70 -26.32 8.77
N GLN A 58 -4.99 -25.80 7.76
CA GLN A 58 -3.57 -26.03 7.71
C GLN A 58 -2.79 -25.35 8.83
N TRP A 59 -3.11 -24.10 9.14
CA TRP A 59 -2.43 -23.48 10.25
C TRP A 59 -2.61 -24.22 11.59
N LYS A 60 -3.80 -24.79 11.79
CA LYS A 60 -4.04 -25.71 12.93
C LYS A 60 -3.07 -26.91 12.88
N GLU A 61 -3.03 -27.60 11.73
CA GLU A 61 -2.11 -28.74 11.53
C GLU A 61 -0.64 -28.35 11.74
N PHE A 62 -0.27 -27.15 11.26
CA PHE A 62 1.09 -26.69 11.42
C PHE A 62 1.49 -26.45 12.87
N GLY A 63 0.50 -26.32 13.77
CA GLY A 63 0.73 -26.28 15.21
C GLY A 63 0.38 -25.01 15.95
N LEU A 64 -0.33 -24.07 15.31
CA LEU A 64 -0.75 -22.86 16.05
C LEU A 64 -1.72 -23.21 17.18
N ASP A 65 -1.73 -22.40 18.25
CA ASP A 65 -2.60 -22.68 19.39
C ASP A 65 -4.07 -22.52 19.13
N SER A 66 -4.44 -21.52 18.33
CA SER A 66 -5.81 -21.31 17.94
C SER A 66 -5.81 -20.65 16.55
N VAL A 67 -6.82 -20.99 15.77
CA VAL A 67 -6.95 -20.39 14.44
C VAL A 67 -8.43 -20.21 14.21
N GLU A 68 -8.84 -18.94 14.07
CA GLU A 68 -10.27 -18.63 13.94
C GLU A 68 -10.55 -17.86 12.67
N LEU A 69 -11.78 -17.91 12.19
CA LEU A 69 -12.20 -17.02 11.13
C LEU A 69 -12.88 -15.83 11.77
N ALA A 70 -12.54 -14.63 11.35
CA ALA A 70 -13.24 -13.42 11.81
C ALA A 70 -13.95 -12.88 10.54
N HIS A 71 -15.27 -12.83 10.57
CA HIS A 71 -16.00 -12.40 9.37
C HIS A 71 -16.68 -11.05 9.62
N TYR A 72 -16.97 -10.34 8.53
CA TYR A 72 -17.61 -9.02 8.53
C TYR A 72 -18.44 -8.94 7.28
N ASP A 73 -19.42 -8.05 7.27
CA ASP A 73 -20.28 -7.85 6.08
C ASP A 73 -20.05 -6.43 5.62
N VAL A 74 -19.30 -6.30 4.50
CA VAL A 74 -18.79 -4.99 4.04
C VAL A 74 -19.26 -4.67 2.61
N LEU A 75 -19.21 -3.39 2.26
CA LEU A 75 -19.58 -3.05 0.89
C LEU A 75 -18.52 -3.49 -0.12
N LEU A 76 -18.90 -4.35 -1.05
CA LEU A 76 -18.04 -4.77 -2.17
C LEU A 76 -18.72 -4.31 -3.48
N SER A 77 -18.08 -4.58 -4.63
CA SER A 77 -18.59 -4.05 -5.90
C SER A 77 -18.26 -5.07 -6.96
N TYR A 78 -19.23 -5.37 -7.85
CA TYR A 78 -19.00 -6.40 -8.86
C TYR A 78 -19.67 -6.01 -10.17
N PRO A 79 -19.06 -6.42 -11.30
CA PRO A 79 -19.82 -6.14 -12.53
C PRO A 79 -21.12 -6.96 -12.58
N ASN A 80 -22.08 -6.49 -13.39
CA ASN A 80 -23.29 -7.28 -13.68
C ASN A 80 -22.98 -8.32 -14.78
N LYS A 81 -23.07 -9.60 -14.41
CA LYS A 81 -22.77 -10.72 -15.33
C LYS A 81 -23.61 -10.71 -16.61
N THR A 82 -24.83 -10.19 -16.54
CA THR A 82 -25.70 -10.19 -17.72
C THR A 82 -25.90 -8.80 -18.36
N HIS A 83 -25.07 -7.84 -17.97
CA HIS A 83 -25.14 -6.50 -18.52
C HIS A 83 -23.72 -5.88 -18.48
N PRO A 84 -22.84 -6.32 -19.39
CA PRO A 84 -21.38 -6.05 -19.30
C PRO A 84 -21.02 -4.59 -19.46
N ASN A 85 -19.91 -4.20 -18.82
CA ASN A 85 -19.42 -2.85 -18.88
C ASN A 85 -18.61 -2.72 -20.16
N TYR A 86 -18.74 -1.59 -20.85
CA TYR A 86 -17.87 -1.34 -22.02
C TYR A 86 -17.93 0.11 -22.41
N ILE A 87 -17.02 0.53 -23.29
CA ILE A 87 -16.98 1.90 -23.76
C ILE A 87 -17.11 1.86 -25.29
N SER A 88 -17.84 2.85 -25.82
CA SER A 88 -18.02 2.99 -27.29
C SER A 88 -17.53 4.30 -27.83
N ILE A 89 -17.12 4.29 -29.13
CA ILE A 89 -17.16 5.53 -29.91
C ILE A 89 -18.50 5.46 -30.63
N ILE A 90 -19.23 6.56 -30.59
CA ILE A 90 -20.60 6.61 -31.09
C ILE A 90 -20.70 7.75 -32.13
N ASN A 91 -21.38 7.50 -33.25
CA ASN A 91 -21.52 8.56 -34.27
C ASN A 91 -22.73 9.47 -34.09
N GLU A 92 -22.86 10.46 -34.98
CA GLU A 92 -24.03 11.37 -35.06
C GLU A 92 -25.40 10.73 -34.85
N ASP A 93 -25.59 9.52 -35.36
CA ASP A 93 -26.87 8.80 -35.28
C ASP A 93 -27.03 8.02 -33.97
N GLY A 94 -25.95 7.90 -33.20
CA GLY A 94 -25.97 7.07 -32.02
C GLY A 94 -25.65 5.61 -32.36
N ASN A 95 -24.98 5.38 -33.49
CA ASN A 95 -24.43 4.06 -33.79
C ASN A 95 -23.10 3.89 -33.07
N GLU A 96 -22.95 2.77 -32.38
CA GLU A 96 -21.70 2.46 -31.70
C GLU A 96 -20.75 1.82 -32.70
N ILE A 97 -19.82 2.62 -33.20
CA ILE A 97 -18.92 2.19 -34.29
C ILE A 97 -17.67 1.48 -33.80
N PHE A 98 -17.41 1.55 -32.49
CA PHE A 98 -16.27 0.81 -31.92
C PHE A 98 -16.62 0.51 -30.47
N ASN A 99 -16.38 -0.72 -30.04
CA ASN A 99 -16.59 -1.09 -28.64
C ASN A 99 -15.32 -1.65 -28.03
N THR A 100 -15.03 -1.25 -26.79
CA THR A 100 -13.93 -1.89 -26.06
C THR A 100 -14.25 -3.34 -25.68
N SER A 101 -13.22 -4.09 -25.31
CA SER A 101 -13.34 -5.52 -25.07
C SER A 101 -14.22 -5.83 -23.85
N LEU A 102 -14.89 -6.99 -23.86
CA LEU A 102 -15.70 -7.38 -22.70
C LEU A 102 -14.92 -8.26 -21.70
N PHE A 103 -13.70 -8.70 -22.07
CA PHE A 103 -12.88 -9.53 -21.18
C PHE A 103 -11.47 -9.57 -21.71
N GLU A 104 -10.50 -9.95 -20.87
CA GLU A 104 -9.11 -10.11 -21.32
C GLU A 104 -8.97 -11.50 -21.91
N PRO A 105 -8.28 -11.62 -23.06
CA PRO A 105 -8.04 -12.98 -23.55
C PRO A 105 -7.36 -13.86 -22.49
N PRO A 106 -7.97 -14.99 -22.08
CA PRO A 106 -7.33 -15.72 -21.00
C PRO A 106 -6.02 -16.38 -21.38
N PRO A 107 -5.12 -16.54 -20.39
CA PRO A 107 -3.85 -17.14 -20.77
C PRO A 107 -3.95 -18.63 -21.10
N PRO A 108 -2.90 -19.16 -21.75
CA PRO A 108 -2.89 -20.55 -22.18
C PRO A 108 -3.24 -21.55 -21.07
N GLY A 109 -4.23 -22.39 -21.32
CA GLY A 109 -4.59 -23.41 -20.37
C GLY A 109 -5.63 -22.96 -19.34
N TYR A 110 -5.95 -21.67 -19.34
CA TYR A 110 -7.00 -21.09 -18.45
C TYR A 110 -8.18 -20.58 -19.23
N GLU A 111 -8.20 -20.84 -20.54
CA GLU A 111 -9.28 -20.34 -21.38
C GLU A 111 -10.62 -20.97 -20.98
N ASN A 112 -10.59 -22.05 -20.18
CA ASN A 112 -11.83 -22.66 -19.66
C ASN A 112 -12.05 -22.47 -18.14
N VAL A 113 -11.27 -21.58 -17.52
CA VAL A 113 -11.52 -21.28 -16.13
C VAL A 113 -12.77 -20.40 -16.02
N SER A 114 -13.64 -20.74 -15.09
CA SER A 114 -14.85 -19.97 -14.92
C SER A 114 -14.62 -18.90 -13.83
N ASP A 115 -15.50 -17.91 -13.82
CA ASP A 115 -15.53 -16.96 -12.75
C ASP A 115 -14.31 -16.03 -12.79
N ILE A 116 -13.73 -15.81 -13.96
CA ILE A 116 -12.75 -14.73 -14.02
C ILE A 116 -13.48 -13.42 -14.11
N VAL A 117 -13.33 -12.56 -13.10
CA VAL A 117 -14.08 -11.31 -13.16
C VAL A 117 -13.52 -10.42 -14.31
N PRO A 118 -14.41 -9.91 -15.18
CA PRO A 118 -13.89 -9.04 -16.26
C PRO A 118 -13.31 -7.74 -15.72
N PRO A 119 -12.42 -7.08 -16.48
CA PRO A 119 -11.88 -5.80 -16.00
C PRO A 119 -12.98 -4.82 -15.66
N PHE A 120 -12.86 -4.18 -14.49
CA PHE A 120 -13.77 -3.11 -14.10
C PHE A 120 -13.07 -2.31 -13.01
N SER A 121 -13.65 -1.12 -12.76
CA SER A 121 -13.14 -0.25 -11.66
C SER A 121 -14.09 -0.44 -10.46
N ALA A 122 -13.61 -1.13 -9.42
CA ALA A 122 -14.51 -1.43 -8.28
C ALA A 122 -14.96 -0.13 -7.63
N PHE A 123 -16.29 -0.09 -7.40
CA PHE A 123 -17.06 1.00 -6.75
C PHE A 123 -17.46 2.12 -7.69
N SER A 124 -17.19 1.94 -8.99
CA SER A 124 -17.74 2.93 -9.94
C SER A 124 -19.26 2.98 -9.77
N PRO A 125 -19.86 4.20 -9.84
CA PRO A 125 -21.33 4.23 -9.95
C PRO A 125 -21.74 3.80 -11.36
N GLN A 126 -23.04 3.51 -11.52
CA GLN A 126 -23.60 3.15 -12.82
C GLN A 126 -23.82 4.40 -13.61
N GLY A 127 -23.78 4.29 -14.94
CA GLY A 127 -24.16 5.43 -15.77
C GLY A 127 -23.81 5.16 -17.21
N MET A 128 -24.36 5.99 -18.11
CA MET A 128 -23.98 5.91 -19.53
C MET A 128 -23.63 7.29 -20.08
N PRO A 129 -22.66 8.00 -19.48
CA PRO A 129 -22.28 9.33 -19.95
C PRO A 129 -21.74 9.29 -21.39
N GLU A 130 -22.12 10.29 -22.19
CA GLU A 130 -21.62 10.48 -23.57
C GLU A 130 -20.98 11.84 -23.64
N GLY A 131 -19.81 11.96 -24.26
CA GLY A 131 -19.12 13.24 -24.29
C GLY A 131 -17.86 13.26 -25.11
N ASP A 132 -17.21 14.42 -25.11
CA ASP A 132 -15.91 14.60 -25.76
C ASP A 132 -14.80 14.25 -24.77
N LEU A 133 -13.77 13.60 -25.28
CA LEU A 133 -12.63 13.19 -24.47
C LEU A 133 -11.69 14.35 -24.22
N VAL A 134 -11.08 14.37 -23.02
CA VAL A 134 -9.88 15.16 -22.76
C VAL A 134 -8.84 14.19 -22.21
N TYR A 135 -7.63 14.25 -22.73
CA TYR A 135 -6.53 13.43 -22.26
C TYR A 135 -5.73 14.18 -21.19
N VAL A 136 -5.60 13.56 -20.01
CA VAL A 136 -5.07 14.27 -18.82
C VAL A 136 -3.77 13.65 -18.29
N ASN A 137 -3.03 12.96 -19.16
CA ASN A 137 -1.77 12.35 -18.79
C ASN A 137 -2.03 11.34 -17.66
N TYR A 138 -1.30 11.45 -16.55
CA TYR A 138 -1.51 10.52 -15.44
C TYR A 138 -2.61 10.96 -14.48
N ALA A 139 -3.31 12.06 -14.80
CA ALA A 139 -4.38 12.59 -13.96
C ALA A 139 -3.88 12.96 -12.54
N ARG A 140 -2.60 13.32 -12.44
CA ARG A 140 -2.02 13.84 -11.20
C ARG A 140 -2.48 15.26 -10.94
N THR A 141 -2.29 15.69 -9.69
CA THR A 141 -2.61 17.05 -9.31
C THR A 141 -1.92 18.03 -10.30
N GLU A 142 -0.65 17.79 -10.57
CA GLU A 142 0.14 18.70 -11.43
C GLU A 142 -0.29 18.58 -12.89
N ASP A 143 -0.83 17.43 -13.30
CA ASP A 143 -1.38 17.32 -14.68
C ASP A 143 -2.62 18.21 -14.82
N PHE A 144 -3.51 18.21 -13.83
CA PHE A 144 -4.68 19.07 -13.90
C PHE A 144 -4.33 20.56 -13.75
N PHE A 145 -3.33 20.88 -12.92
CA PHE A 145 -2.83 22.25 -12.83
C PHE A 145 -2.38 22.73 -14.23
N LYS A 146 -1.66 21.87 -14.96
CA LYS A 146 -1.08 22.24 -16.27
C LYS A 146 -2.21 22.45 -17.26
N LEU A 147 -3.18 21.56 -17.23
CA LEU A 147 -4.32 21.64 -18.13
C LEU A 147 -5.16 22.88 -17.89
N GLU A 148 -5.52 23.13 -16.64
CA GLU A 148 -6.44 24.20 -16.29
C GLU A 148 -5.78 25.56 -16.21
N ARG A 149 -4.58 25.61 -15.65
CA ARG A 149 -3.95 26.88 -15.35
C ARG A 149 -3.13 27.37 -16.52
N ASP A 150 -2.38 26.47 -17.15
CA ASP A 150 -1.45 26.81 -18.23
C ASP A 150 -2.03 26.67 -19.63
N MET A 151 -2.80 25.61 -19.86
CA MET A 151 -3.33 25.37 -21.19
C MET A 151 -4.74 25.91 -21.33
N LYS A 152 -5.36 26.27 -20.21
CA LYS A 152 -6.72 26.77 -20.16
C LYS A 152 -7.76 25.82 -20.75
N ILE A 153 -7.56 24.52 -20.54
CA ILE A 153 -8.53 23.52 -21.00
C ILE A 153 -9.48 23.21 -19.86
N ASN A 154 -10.77 23.18 -20.15
CA ASN A 154 -11.79 22.99 -19.14
C ASN A 154 -12.35 21.56 -19.24
N CYS A 155 -12.23 20.78 -18.15
CA CYS A 155 -12.66 19.39 -18.15
C CYS A 155 -14.12 19.25 -17.80
N SER A 156 -14.75 20.33 -17.39
CA SER A 156 -16.12 20.27 -16.93
C SER A 156 -17.06 19.65 -17.98
N GLY A 157 -17.77 18.60 -17.60
CA GLY A 157 -18.67 17.90 -18.49
C GLY A 157 -18.02 17.08 -19.59
N LYS A 158 -16.69 16.90 -19.52
CA LYS A 158 -15.95 16.07 -20.46
C LYS A 158 -15.69 14.65 -19.86
N ILE A 159 -15.44 13.67 -20.72
CA ILE A 159 -14.95 12.36 -20.26
C ILE A 159 -13.44 12.44 -20.31
N VAL A 160 -12.78 12.11 -19.20
CA VAL A 160 -11.35 12.22 -19.16
C VAL A 160 -10.74 10.85 -19.42
N ILE A 161 -9.67 10.82 -20.20
CA ILE A 161 -8.90 9.62 -20.37
C ILE A 161 -7.51 9.82 -19.80
N ALA A 162 -7.08 8.87 -18.98
CA ALA A 162 -5.87 9.02 -18.20
C ALA A 162 -5.12 7.72 -18.26
N ARG A 163 -3.79 7.82 -18.33
CA ARG A 163 -2.98 6.64 -18.27
C ARG A 163 -2.72 6.25 -16.81
N TYR A 164 -2.78 4.94 -16.60
CA TYR A 164 -2.37 4.40 -15.31
C TYR A 164 -0.90 4.73 -15.07
N GLY A 165 -0.51 4.77 -13.80
CA GLY A 165 0.91 4.95 -13.47
C GLY A 165 1.12 6.11 -12.50
N LYS A 166 2.29 6.10 -11.86
CA LYS A 166 2.77 7.24 -11.03
C LYS A 166 2.04 7.40 -9.69
N VAL A 167 0.71 7.33 -9.72
CA VAL A 167 -0.05 7.49 -8.45
C VAL A 167 -1.21 6.54 -8.37
N PHE A 168 -1.70 6.33 -7.14
CA PHE A 168 -2.87 5.47 -6.94
C PHE A 168 -4.06 5.92 -7.81
N ARG A 169 -4.74 4.92 -8.41
CA ARG A 169 -5.83 5.28 -9.35
C ARG A 169 -7.00 6.05 -8.69
N GLY A 170 -7.25 5.81 -7.38
CA GLY A 170 -8.27 6.56 -6.71
C GLY A 170 -7.97 8.06 -6.65
N ASN A 171 -6.68 8.45 -6.57
CA ASN A 171 -6.33 9.87 -6.60
C ASN A 171 -6.63 10.49 -7.98
N LYS A 172 -6.39 9.69 -9.03
CA LYS A 172 -6.76 10.12 -10.39
C LYS A 172 -8.23 10.43 -10.51
N VAL A 173 -9.08 9.54 -9.98
CA VAL A 173 -10.52 9.71 -10.12
C VAL A 173 -10.98 10.90 -9.27
N LYS A 174 -10.43 11.07 -8.06
CA LYS A 174 -10.75 12.23 -7.24
C LYS A 174 -10.37 13.51 -7.99
N ASN A 175 -9.19 13.54 -8.59
CA ASN A 175 -8.74 14.74 -9.28
C ASN A 175 -9.66 15.00 -10.49
N ALA A 176 -10.03 13.95 -11.23
CA ALA A 176 -10.95 14.17 -12.41
C ALA A 176 -12.31 14.68 -11.94
N GLN A 177 -12.82 14.10 -10.85
CA GLN A 177 -14.09 14.55 -10.29
C GLN A 177 -14.07 16.03 -9.94
N LEU A 178 -13.00 16.47 -9.30
CA LEU A 178 -12.92 17.84 -8.85
C LEU A 178 -12.73 18.80 -10.02
N ALA A 179 -12.13 18.31 -11.10
CA ALA A 179 -12.06 19.08 -12.36
C ALA A 179 -13.40 19.14 -13.10
N GLY A 180 -14.44 18.48 -12.60
CA GLY A 180 -15.78 18.47 -13.21
C GLY A 180 -16.02 17.44 -14.30
N ALA A 181 -15.13 16.45 -14.43
CA ALA A 181 -15.31 15.39 -15.42
C ALA A 181 -16.61 14.65 -15.22
N LYS A 182 -17.17 14.09 -16.29
CA LYS A 182 -18.37 13.26 -16.10
C LYS A 182 -18.12 11.76 -16.20
N GLY A 183 -16.86 11.37 -16.43
CA GLY A 183 -16.50 9.96 -16.53
C GLY A 183 -15.00 9.90 -16.62
N VAL A 184 -14.42 8.74 -16.31
CA VAL A 184 -12.98 8.58 -16.40
C VAL A 184 -12.69 7.25 -17.07
N ILE A 185 -11.79 7.27 -18.06
CA ILE A 185 -11.30 6.06 -18.67
C ILE A 185 -9.83 5.94 -18.31
N LEU A 186 -9.45 4.79 -17.71
CA LEU A 186 -8.10 4.53 -17.30
C LEU A 186 -7.54 3.53 -18.28
N TYR A 187 -6.30 3.73 -18.71
CA TYR A 187 -5.71 2.70 -19.57
C TYR A 187 -4.24 2.48 -19.28
N SER A 188 -3.72 1.32 -19.69
CA SER A 188 -2.32 0.98 -19.52
C SER A 188 -1.48 1.34 -20.74
N ASP A 189 -0.62 2.34 -20.64
CA ASP A 189 0.24 2.71 -21.79
C ASP A 189 1.47 1.83 -21.81
N PRO A 190 1.93 1.35 -22.99
CA PRO A 190 3.16 0.56 -23.01
C PRO A 190 4.36 1.32 -22.44
N ALA A 191 4.30 2.65 -22.44
CA ALA A 191 5.39 3.46 -21.83
C ALA A 191 5.59 3.06 -20.36
N ASP A 192 4.49 2.71 -19.71
CA ASP A 192 4.49 2.44 -18.27
C ASP A 192 4.32 0.96 -17.93
N TYR A 193 3.93 0.12 -18.89
CA TYR A 193 3.64 -1.29 -18.60
C TYR A 193 4.25 -2.26 -19.61
N PHE A 194 5.25 -1.80 -20.37
CA PHE A 194 5.88 -2.70 -21.34
C PHE A 194 7.37 -2.35 -21.36
N ALA A 195 8.17 -3.23 -20.77
CA ALA A 195 9.61 -2.99 -20.67
C ALA A 195 10.22 -3.30 -22.05
N PRO A 196 11.00 -2.35 -22.60
CA PRO A 196 11.75 -2.63 -23.87
C PRO A 196 12.49 -3.96 -23.87
N GLY A 197 12.34 -4.71 -24.97
CA GLY A 197 13.13 -5.93 -25.11
C GLY A 197 12.62 -7.19 -24.47
N VAL A 198 11.42 -7.13 -23.87
CA VAL A 198 10.81 -8.32 -23.23
C VAL A 198 9.50 -8.56 -23.95
N LYS A 199 9.10 -9.80 -24.05
CA LYS A 199 7.90 -10.12 -24.77
C LYS A 199 6.69 -10.10 -23.84
N SER A 200 5.53 -9.92 -24.45
CA SER A 200 4.22 -10.02 -23.83
C SER A 200 3.96 -11.38 -23.24
N TYR A 201 3.16 -11.43 -22.17
CA TYR A 201 2.73 -12.70 -21.67
C TYR A 201 1.91 -13.53 -22.66
N PRO A 202 2.34 -14.78 -22.88
CA PRO A 202 2.83 -15.90 -22.08
C PRO A 202 4.34 -16.06 -22.35
N ASP A 203 4.86 -15.23 -23.25
CA ASP A 203 6.25 -15.38 -23.73
C ASP A 203 7.25 -14.55 -22.97
N GLY A 204 6.74 -13.61 -22.16
CA GLY A 204 7.58 -12.81 -21.30
C GLY A 204 6.68 -12.19 -20.25
N TRP A 205 7.24 -11.25 -19.50
CA TRP A 205 6.48 -10.70 -18.34
C TRP A 205 5.82 -9.37 -18.64
N ASN A 206 5.72 -8.97 -19.91
CA ASN A 206 5.08 -7.72 -20.28
C ASN A 206 3.56 -7.81 -20.45
N LEU A 207 2.89 -6.66 -20.38
CA LEU A 207 1.45 -6.59 -20.53
C LEU A 207 1.13 -6.63 -22.02
N PRO A 208 0.28 -7.59 -22.45
CA PRO A 208 -0.22 -7.55 -23.84
C PRO A 208 -1.25 -6.49 -24.06
N GLY A 209 -1.56 -6.21 -25.33
CA GLY A 209 -2.43 -5.08 -25.62
C GLY A 209 -3.87 -5.32 -25.20
N GLY A 210 -4.25 -6.57 -24.99
CA GLY A 210 -5.59 -6.94 -24.47
C GLY A 210 -5.65 -6.98 -22.92
N GLY A 211 -4.49 -6.86 -22.28
CA GLY A 211 -4.39 -6.89 -20.79
C GLY A 211 -4.96 -5.63 -20.18
N VAL A 212 -5.57 -5.78 -18.99
CA VAL A 212 -6.19 -4.63 -18.35
C VAL A 212 -6.00 -4.78 -16.81
N GLN A 213 -5.72 -3.66 -16.18
CA GLN A 213 -5.47 -3.61 -14.73
C GLN A 213 -6.78 -3.32 -14.04
N ARG A 214 -7.22 -4.29 -13.24
CA ARG A 214 -8.34 -4.07 -12.31
C ARG A 214 -7.89 -3.23 -11.11
N GLY A 215 -8.88 -2.73 -10.36
CA GLY A 215 -8.51 -2.06 -9.07
C GLY A 215 -9.60 -1.14 -8.61
N ASN A 216 -9.71 -1.01 -7.30
CA ASN A 216 -10.72 -0.12 -6.78
C ASN A 216 -10.29 1.34 -6.92
N ILE A 217 -11.29 2.23 -6.94
CA ILE A 217 -11.08 3.65 -7.13
C ILE A 217 -11.65 4.49 -5.98
N LEU A 218 -11.63 3.91 -4.77
CA LEU A 218 -12.15 4.65 -3.60
C LEU A 218 -11.16 5.67 -3.10
N ASN A 219 -11.66 6.61 -2.29
CA ASN A 219 -10.81 7.52 -1.54
C ASN A 219 -11.27 7.43 -0.08
N LEU A 220 -10.87 6.32 0.56
CA LEU A 220 -11.35 6.03 1.91
C LEU A 220 -10.57 6.77 2.99
N ASN A 221 -9.33 7.17 2.71
CA ASN A 221 -8.49 7.84 3.73
C ASN A 221 -8.48 7.08 5.05
N GLY A 222 -8.37 5.77 4.96
CA GLY A 222 -8.18 4.95 6.17
C GLY A 222 -9.48 4.46 6.81
N ALA A 223 -10.64 4.74 6.22
CA ALA A 223 -11.92 4.44 6.91
C ALA A 223 -12.28 2.99 6.97
N GLY A 224 -11.80 2.14 6.06
CA GLY A 224 -12.23 0.74 5.92
C GLY A 224 -13.58 0.63 5.23
N ASP A 225 -14.45 -0.30 5.67
CA ASP A 225 -15.74 -0.43 4.98
C ASP A 225 -16.44 0.91 4.84
N PRO A 226 -16.83 1.28 3.61
CA PRO A 226 -17.47 2.55 3.42
C PRO A 226 -18.69 2.84 4.28
N LEU A 227 -19.37 1.78 4.70
CA LEU A 227 -20.65 2.01 5.43
C LEU A 227 -20.51 2.06 6.95
N THR A 228 -19.34 1.70 7.48
CA THR A 228 -19.20 1.62 8.95
C THR A 228 -17.92 2.26 9.51
N PRO A 229 -17.61 3.49 9.10
CA PRO A 229 -16.32 4.07 9.55
C PRO A 229 -16.25 4.18 11.07
N GLY A 230 -15.15 3.66 11.67
CA GLY A 230 -14.92 3.72 13.14
C GLY A 230 -15.27 2.47 13.90
N TYR A 231 -16.07 1.60 13.28
CA TYR A 231 -16.63 0.46 14.03
C TYR A 231 -16.63 -0.80 13.15
N PRO A 232 -16.49 -1.98 13.75
CA PRO A 232 -16.48 -3.16 12.87
C PRO A 232 -17.84 -3.46 12.26
N ALA A 233 -17.79 -3.94 11.03
CA ALA A 233 -18.99 -4.27 10.28
C ALA A 233 -19.50 -5.66 10.71
N ASN A 234 -19.92 -5.76 11.98
CA ASN A 234 -20.32 -7.03 12.56
C ASN A 234 -21.79 -7.24 12.29
N GLU A 235 -22.39 -8.22 12.98
CA GLU A 235 -23.77 -8.60 12.69
C GLU A 235 -24.81 -7.56 13.05
N TYR A 236 -24.55 -6.72 14.06
CA TYR A 236 -25.55 -5.76 14.51
C TYR A 236 -25.18 -4.34 14.11
N ALA A 237 -24.19 -4.20 13.23
CA ALA A 237 -23.67 -2.88 12.92
C ALA A 237 -24.72 -1.99 12.29
N TYR A 238 -24.71 -0.69 12.61
CA TYR A 238 -25.57 0.26 11.90
C TYR A 238 -24.79 0.74 10.71
N ARG A 239 -25.40 0.72 9.54
CA ARG A 239 -24.70 1.11 8.32
C ARG A 239 -25.20 2.42 7.82
N ARG A 240 -24.28 3.24 7.37
CA ARG A 240 -24.67 4.44 6.61
C ARG A 240 -25.43 4.04 5.32
N GLY A 241 -26.31 4.94 4.87
CA GLY A 241 -26.90 4.82 3.52
C GLY A 241 -25.82 5.09 2.49
N ILE A 242 -25.98 4.56 1.28
CA ILE A 242 -25.02 4.78 0.20
C ILE A 242 -24.69 6.23 0.01
N ALA A 243 -25.70 7.10 0.14
CA ALA A 243 -25.46 8.51 -0.09
C ALA A 243 -24.43 9.09 0.85
N GLU A 244 -24.32 8.55 2.08
CA GLU A 244 -23.38 9.05 3.09
C GLU A 244 -22.14 8.14 3.24
N ALA A 245 -22.03 7.11 2.41
CA ALA A 245 -20.90 6.19 2.46
C ALA A 245 -19.57 6.96 2.28
N VAL A 246 -18.49 6.42 2.85
CA VAL A 246 -17.20 7.07 2.71
C VAL A 246 -16.51 6.67 1.41
N GLY A 247 -16.05 7.66 0.66
CA GLY A 247 -15.02 7.39 -0.35
C GLY A 247 -15.48 7.02 -1.74
N LEU A 248 -16.80 6.98 -1.97
CA LEU A 248 -17.28 6.47 -3.26
C LEU A 248 -17.18 7.56 -4.34
N PRO A 249 -16.78 7.16 -5.56
CA PRO A 249 -16.69 8.10 -6.65
C PRO A 249 -18.08 8.50 -7.14
N SER A 250 -18.18 9.70 -7.70
CA SER A 250 -19.49 10.20 -8.16
C SER A 250 -19.65 10.11 -9.66
N ILE A 251 -18.62 9.66 -10.36
CA ILE A 251 -18.68 9.56 -11.83
C ILE A 251 -18.22 8.17 -12.27
N PRO A 252 -18.77 7.64 -13.37
CA PRO A 252 -18.37 6.32 -13.81
C PRO A 252 -16.93 6.22 -14.28
N VAL A 253 -16.32 5.05 -14.05
CA VAL A 253 -14.90 4.84 -14.34
C VAL A 253 -14.70 3.44 -14.90
N HIS A 254 -13.82 3.26 -15.88
CA HIS A 254 -13.62 1.92 -16.39
C HIS A 254 -12.21 1.83 -16.97
N PRO A 255 -11.52 0.69 -16.75
CA PRO A 255 -10.17 0.51 -17.30
C PRO A 255 -10.14 -0.29 -18.60
N ILE A 256 -9.17 0.06 -19.44
CA ILE A 256 -9.00 -0.62 -20.72
C ILE A 256 -7.52 -0.86 -20.98
N GLY A 257 -7.25 -1.73 -21.95
CA GLY A 257 -5.89 -2.02 -22.40
C GLY A 257 -5.44 -1.09 -23.53
N TYR A 258 -4.20 -1.28 -23.96
CA TYR A 258 -3.68 -0.31 -24.90
C TYR A 258 -4.12 -0.52 -26.35
N TYR A 259 -4.54 -1.72 -26.72
CA TYR A 259 -5.22 -1.88 -28.05
C TYR A 259 -6.46 -1.03 -28.14
N ASP A 260 -7.31 -1.13 -27.10
CA ASP A 260 -8.50 -0.30 -27.05
C ASP A 260 -8.19 1.18 -26.89
N ALA A 261 -7.20 1.51 -26.05
CA ALA A 261 -6.85 2.93 -25.85
C ALA A 261 -6.42 3.60 -27.15
N GLN A 262 -5.66 2.87 -27.94
CA GLN A 262 -5.19 3.42 -29.21
C GLN A 262 -6.37 3.84 -30.09
N LYS A 263 -7.42 3.03 -30.09
CA LYS A 263 -8.62 3.39 -30.83
C LYS A 263 -9.31 4.65 -30.32
N LEU A 264 -9.27 4.92 -29.00
CA LEU A 264 -9.92 6.11 -28.47
C LEU A 264 -9.03 7.33 -28.63
N LEU A 265 -7.72 7.13 -28.59
CA LEU A 265 -6.78 8.23 -28.62
C LEU A 265 -6.42 8.68 -30.04
N GLU A 266 -6.44 7.74 -30.99
CA GLU A 266 -5.90 8.04 -32.32
C GLU A 266 -6.61 9.22 -33.00
N LYS A 267 -7.90 9.42 -32.69
CA LYS A 267 -8.70 10.49 -33.30
C LYS A 267 -8.67 11.81 -32.56
N MET A 268 -7.92 11.88 -31.46
CA MET A 268 -7.95 13.09 -30.62
C MET A 268 -7.45 14.38 -31.27
N GLY A 269 -8.23 15.44 -31.07
CA GLY A 269 -7.92 16.76 -31.62
C GLY A 269 -7.61 17.79 -30.56
N GLY A 270 -8.11 19.01 -30.76
CA GLY A 270 -7.78 20.16 -29.92
C GLY A 270 -6.28 20.34 -29.78
N SER A 271 -5.85 20.70 -28.57
CA SER A 271 -4.48 21.13 -28.34
C SER A 271 -3.48 20.01 -28.37
N ALA A 272 -2.24 20.31 -28.77
CA ALA A 272 -1.18 19.31 -28.75
C ALA A 272 -0.75 19.04 -27.29
N PRO A 273 -0.07 17.90 -27.03
CA PRO A 273 0.51 17.68 -25.69
C PRO A 273 1.48 18.81 -25.36
N PRO A 274 1.45 19.31 -24.12
CA PRO A 274 2.28 20.47 -23.78
C PRO A 274 3.79 20.19 -23.83
N ASP A 275 4.19 18.93 -23.72
CA ASP A 275 5.60 18.56 -23.75
C ASP A 275 5.74 17.03 -23.78
N SER A 276 6.96 16.52 -23.84
CA SER A 276 7.15 15.08 -24.06
C SER A 276 6.77 14.19 -22.85
N SER A 277 6.69 14.77 -21.66
CA SER A 277 6.33 14.02 -20.43
C SER A 277 4.87 13.59 -20.47
N TRP A 278 4.13 14.14 -21.45
CA TRP A 278 2.71 13.82 -21.68
C TRP A 278 2.51 12.77 -22.77
N ARG A 279 3.59 12.37 -23.45
CA ARG A 279 3.52 11.38 -24.50
C ARG A 279 3.93 9.99 -24.03
N GLY A 280 3.02 9.04 -24.22
CA GLY A 280 3.34 7.64 -24.04
C GLY A 280 4.00 7.04 -25.27
N SER A 281 3.90 5.73 -25.42
CA SER A 281 4.60 5.04 -26.51
C SER A 281 3.72 4.58 -27.66
N LEU A 282 2.42 4.87 -27.62
CA LEU A 282 1.55 4.47 -28.72
C LEU A 282 1.78 5.43 -29.90
N LYS A 283 1.42 4.93 -31.07
CA LYS A 283 1.60 5.68 -32.30
C LYS A 283 0.39 6.58 -32.48
N VAL A 284 0.29 7.57 -31.59
CA VAL A 284 -0.77 8.56 -31.61
C VAL A 284 -0.15 9.90 -31.18
N PRO A 285 -0.83 11.03 -31.47
CA PRO A 285 -0.22 12.33 -31.15
C PRO A 285 -0.25 12.68 -29.66
N TYR A 286 -1.13 12.04 -28.89
CA TYR A 286 -1.36 12.43 -27.47
C TYR A 286 -1.90 13.85 -27.35
N ASN A 287 -2.75 14.25 -28.30
CA ASN A 287 -3.47 15.51 -28.20
C ASN A 287 -4.36 15.48 -26.97
N VAL A 288 -4.48 16.63 -26.33
CA VAL A 288 -5.24 16.74 -25.10
C VAL A 288 -6.73 16.93 -25.41
N GLY A 289 -7.02 17.29 -26.65
CA GLY A 289 -8.40 17.65 -27.09
C GLY A 289 -8.86 18.90 -26.38
N PRO A 290 -10.17 19.09 -26.34
CA PRO A 290 -11.26 18.23 -25.95
C PRO A 290 -11.73 17.70 -27.31
N GLY A 291 -12.23 16.48 -27.35
CA GLY A 291 -12.85 15.95 -28.58
C GLY A 291 -11.89 15.56 -29.70
N PHE A 292 -12.47 15.14 -30.82
CA PHE A 292 -11.74 14.55 -31.93
C PHE A 292 -11.39 15.57 -33.03
N THR A 293 -10.44 15.23 -33.91
CA THR A 293 -10.12 16.08 -35.09
C THR A 293 -11.29 16.25 -36.08
N GLY A 294 -11.23 17.35 -36.85
CA GLY A 294 -12.30 17.74 -37.78
C GLY A 294 -13.21 16.69 -38.39
N ASN A 295 -12.62 15.67 -39.03
CA ASN A 295 -13.42 14.64 -39.73
C ASN A 295 -14.39 13.92 -38.79
N PHE A 296 -13.96 13.79 -37.54
CA PHE A 296 -14.63 12.96 -36.55
C PHE A 296 -15.23 13.81 -35.43
N SER A 297 -15.13 15.12 -35.57
CA SER A 297 -15.57 16.07 -34.57
C SER A 297 -16.96 15.82 -33.99
N THR A 298 -17.82 15.11 -34.72
CA THR A 298 -19.19 14.86 -34.24
C THR A 298 -19.41 13.49 -33.61
N GLN A 299 -18.38 12.66 -33.66
CA GLN A 299 -18.39 11.40 -32.92
C GLN A 299 -18.14 11.75 -31.45
N LYS A 300 -18.73 10.94 -30.57
CA LYS A 300 -18.53 11.10 -29.13
C LYS A 300 -18.09 9.75 -28.51
N VAL A 301 -17.66 9.81 -27.25
CA VAL A 301 -17.34 8.59 -26.50
C VAL A 301 -18.46 8.33 -25.51
N LYS A 302 -18.88 7.08 -25.38
CA LYS A 302 -19.98 6.73 -24.50
C LYS A 302 -19.57 5.58 -23.58
N MET A 303 -19.73 5.77 -22.27
CA MET A 303 -19.40 4.70 -21.31
C MET A 303 -20.69 3.94 -21.00
N HIS A 304 -20.58 2.65 -20.65
CA HIS A 304 -21.75 1.90 -20.21
C HIS A 304 -21.31 1.14 -18.98
N ILE A 305 -21.65 1.66 -17.81
CA ILE A 305 -21.21 1.02 -16.55
C ILE A 305 -22.43 0.60 -15.74
N HIS A 306 -22.46 -0.67 -15.34
CA HIS A 306 -23.61 -1.29 -14.71
C HIS A 306 -23.29 -2.12 -13.45
N SER A 307 -22.07 -1.93 -12.93
CA SER A 307 -21.60 -2.63 -11.75
C SER A 307 -22.48 -2.26 -10.59
N THR A 308 -22.51 -3.13 -9.57
CA THR A 308 -23.31 -2.86 -8.41
C THR A 308 -22.52 -3.00 -7.14
N ASN A 309 -22.87 -2.18 -6.16
CA ASN A 309 -22.23 -2.22 -4.85
C ASN A 309 -23.14 -3.11 -4.01
N GLU A 310 -22.56 -4.02 -3.26
CA GLU A 310 -23.34 -5.03 -2.54
C GLU A 310 -22.66 -5.36 -1.22
N VAL A 311 -23.43 -5.32 -0.14
CA VAL A 311 -22.86 -5.76 1.15
C VAL A 311 -22.65 -7.29 1.09
N THR A 312 -21.44 -7.74 1.41
CA THR A 312 -21.02 -9.08 1.17
C THR A 312 -20.13 -9.55 2.33
N ARG A 313 -20.22 -10.82 2.69
CA ARG A 313 -19.41 -11.37 3.81
C ARG A 313 -17.98 -11.64 3.37
N ILE A 314 -17.04 -11.29 4.25
CA ILE A 314 -15.59 -11.55 4.03
C ILE A 314 -15.07 -12.24 5.26
N TYR A 315 -13.92 -12.89 5.10
CA TYR A 315 -13.38 -13.76 6.13
C TYR A 315 -11.90 -13.56 6.34
N ASN A 316 -11.48 -13.14 7.53
CA ASN A 316 -10.05 -13.13 7.85
C ASN A 316 -9.73 -14.41 8.59
N VAL A 317 -8.55 -14.95 8.32
CA VAL A 317 -8.05 -16.05 9.17
C VAL A 317 -7.08 -15.45 10.18
N ILE A 318 -7.27 -15.75 11.49
CA ILE A 318 -6.38 -15.20 12.53
C ILE A 318 -5.85 -16.39 13.35
N GLY A 319 -4.55 -16.57 13.27
CA GLY A 319 -3.82 -17.64 14.00
C GLY A 319 -3.05 -17.04 15.13
N THR A 320 -2.96 -17.78 16.24
CA THR A 320 -2.27 -17.27 17.43
C THR A 320 -1.23 -18.30 17.86
N LEU A 321 -0.02 -17.83 18.09
CA LEU A 321 1.03 -18.63 18.76
C LEU A 321 1.30 -17.91 20.07
N ARG A 322 0.73 -18.42 21.15
CA ARG A 322 0.84 -17.73 22.46
C ARG A 322 2.27 -17.61 22.99
N GLY A 323 2.63 -16.44 23.52
CA GLY A 323 3.97 -16.15 24.03
C GLY A 323 4.18 -16.85 25.37
N ALA A 324 5.43 -17.23 25.61
CA ALA A 324 5.76 -18.01 26.83
C ALA A 324 5.91 -17.09 28.03
N VAL A 325 6.36 -15.86 27.78
CA VAL A 325 6.71 -14.93 28.88
C VAL A 325 5.78 -13.70 28.86
N GLU A 326 5.62 -13.14 27.66
CA GLU A 326 4.76 -11.94 27.50
C GLU A 326 3.62 -12.22 26.51
N PRO A 327 2.65 -13.08 26.89
CA PRO A 327 1.53 -13.41 26.03
C PRO A 327 0.65 -12.21 25.69
N ASP A 328 0.72 -11.14 26.50
CA ASP A 328 -0.11 -9.96 26.21
C ASP A 328 0.72 -8.96 25.43
N ARG A 329 1.70 -9.39 24.64
CA ARG A 329 2.40 -8.50 23.73
C ARG A 329 2.31 -9.16 22.37
N TYR A 330 1.79 -8.44 21.36
CA TYR A 330 1.48 -9.06 20.06
C TYR A 330 2.40 -8.58 18.99
N VAL A 331 3.01 -9.55 18.28
CA VAL A 331 3.75 -9.24 17.06
C VAL A 331 2.94 -9.86 15.93
N ILE A 332 2.62 -9.07 14.91
CA ILE A 332 1.62 -9.51 13.94
C ILE A 332 2.26 -9.61 12.56
N LEU A 333 2.06 -10.77 11.92
CA LEU A 333 2.46 -10.95 10.52
C LEU A 333 1.19 -11.16 9.74
N GLY A 334 0.90 -10.21 8.86
CA GLY A 334 -0.39 -10.24 8.16
C GLY A 334 -0.18 -9.94 6.66
N GLY A 335 -1.01 -10.62 5.87
CA GLY A 335 -1.13 -10.19 4.46
C GLY A 335 -2.44 -10.74 3.94
N HIS A 336 -2.81 -10.22 2.79
CA HIS A 336 -4.12 -10.63 2.27
C HIS A 336 -4.11 -11.89 1.41
N ARG A 337 -5.31 -12.43 1.25
CA ARG A 337 -5.57 -13.68 0.54
C ARG A 337 -6.44 -13.43 -0.70
N ASP A 338 -7.32 -12.42 -0.67
CA ASP A 338 -8.20 -12.18 -1.82
C ASP A 338 -7.37 -11.67 -3.01
N SER A 339 -7.78 -12.01 -4.23
CA SER A 339 -7.01 -11.57 -5.40
C SER A 339 -8.04 -11.04 -6.43
N TRP A 340 -7.58 -10.32 -7.45
CA TRP A 340 -8.48 -9.89 -8.52
C TRP A 340 -8.82 -11.10 -9.39
N VAL A 341 -7.81 -11.83 -9.82
CA VAL A 341 -8.02 -13.09 -10.54
C VAL A 341 -7.21 -14.20 -9.84
N PHE A 342 -6.12 -14.66 -10.45
CA PHE A 342 -5.36 -15.78 -9.89
C PHE A 342 -4.38 -15.37 -8.82
N GLY A 343 -3.98 -14.10 -8.81
CA GLY A 343 -3.11 -13.57 -7.74
C GLY A 343 -1.76 -14.23 -7.70
N GLY A 344 -1.20 -14.54 -8.90
CA GLY A 344 0.11 -15.20 -8.95
C GLY A 344 1.17 -14.43 -8.22
N ILE A 345 1.19 -13.11 -8.35
CA ILE A 345 2.14 -12.31 -7.55
C ILE A 345 1.30 -11.72 -6.39
N ASP A 346 0.25 -10.99 -6.75
CA ASP A 346 -0.53 -10.22 -5.76
C ASP A 346 -1.90 -10.83 -5.36
N PRO A 347 -1.94 -11.61 -4.28
CA PRO A 347 -1.10 -11.55 -3.09
C PRO A 347 -0.40 -12.89 -2.90
N GLN A 348 -0.60 -13.90 -3.78
CA GLN A 348 -0.28 -15.25 -3.30
C GLN A 348 1.22 -15.52 -3.13
N SER A 349 2.03 -14.73 -3.80
CA SER A 349 3.47 -14.84 -3.58
C SER A 349 3.84 -14.46 -2.15
N GLY A 350 3.04 -13.55 -1.59
CA GLY A 350 3.17 -13.17 -0.18
C GLY A 350 2.52 -14.19 0.72
N ALA A 351 1.30 -14.62 0.40
CA ALA A 351 0.58 -15.61 1.22
C ALA A 351 1.30 -16.93 1.33
N ALA A 352 1.99 -17.36 0.25
CA ALA A 352 2.78 -18.61 0.34
C ALA A 352 3.94 -18.51 1.28
N VAL A 353 4.56 -17.31 1.31
CA VAL A 353 5.69 -17.01 2.21
C VAL A 353 5.12 -17.05 3.65
N VAL A 354 3.97 -16.42 3.90
CA VAL A 354 3.39 -16.47 5.27
C VAL A 354 3.11 -17.91 5.68
N HIS A 355 2.56 -18.70 4.75
CA HIS A 355 2.18 -20.08 5.02
C HIS A 355 3.44 -20.85 5.43
N GLU A 356 4.53 -20.65 4.73
CA GLU A 356 5.78 -21.36 5.11
C GLU A 356 6.38 -20.85 6.42
N ILE A 357 6.16 -19.57 6.72
CA ILE A 357 6.61 -19.03 8.01
C ILE A 357 5.85 -19.66 9.16
N VAL A 358 4.54 -19.76 9.02
CA VAL A 358 3.71 -20.41 10.04
C VAL A 358 4.19 -21.84 10.19
N ARG A 359 4.44 -22.51 9.07
CA ARG A 359 4.87 -23.92 9.16
C ARG A 359 6.18 -24.04 9.95
N SER A 360 7.15 -23.18 9.67
CA SER A 360 8.41 -23.18 10.38
C SER A 360 8.25 -22.87 11.86
N PHE A 361 7.50 -21.81 12.21
CA PHE A 361 7.27 -21.56 13.63
C PHE A 361 6.60 -22.74 14.31
N GLY A 362 5.65 -23.37 13.64
CA GLY A 362 4.88 -24.48 14.18
C GLY A 362 5.78 -25.70 14.39
N THR A 363 6.77 -25.88 13.52
CA THR A 363 7.75 -26.98 13.71
C THR A 363 8.53 -26.80 15.02
N LEU A 364 9.01 -25.58 15.28
CA LEU A 364 9.67 -25.28 16.55
C LEU A 364 8.74 -25.50 17.71
N LYS A 365 7.50 -25.04 17.56
CA LYS A 365 6.57 -25.19 18.64
C LYS A 365 6.36 -26.66 18.97
N LYS A 366 6.23 -27.51 17.95
CA LYS A 366 5.98 -28.94 18.20
C LYS A 366 7.13 -29.61 18.96
N GLU A 367 8.32 -29.05 18.85
CA GLU A 367 9.52 -29.49 19.60
C GLU A 367 9.62 -28.85 20.99
N GLY A 368 8.64 -28.04 21.36
CA GLY A 368 8.58 -27.49 22.72
C GLY A 368 8.90 -26.02 22.88
N TRP A 369 9.19 -25.34 21.77
CA TRP A 369 9.58 -23.95 21.84
C TRP A 369 8.32 -23.09 21.77
N ARG A 370 8.41 -21.94 22.40
CA ARG A 370 7.41 -20.86 22.24
C ARG A 370 8.17 -19.60 22.20
N PRO A 371 7.68 -18.61 21.41
CA PRO A 371 8.31 -17.33 21.35
C PRO A 371 8.08 -16.62 22.70
N ARG A 372 8.88 -15.61 22.98
CA ARG A 372 8.75 -14.82 24.22
C ARG A 372 7.39 -14.10 24.25
N ARG A 373 7.12 -13.41 23.15
CA ARG A 373 5.82 -12.72 22.96
C ARG A 373 4.88 -13.50 22.07
N THR A 374 3.60 -13.17 22.08
CA THR A 374 2.61 -13.80 21.25
C THR A 374 2.83 -13.34 19.81
N ILE A 375 2.72 -14.28 18.87
CA ILE A 375 2.70 -13.92 17.45
C ILE A 375 1.33 -14.20 16.88
N LEU A 376 0.79 -13.20 16.14
CA LEU A 376 -0.53 -13.34 15.51
C LEU A 376 -0.21 -13.36 13.99
N PHE A 377 -0.87 -14.31 13.34
CA PHE A 377 -0.77 -14.48 11.88
C PHE A 377 -2.13 -14.20 11.28
N ALA A 378 -2.14 -13.41 10.19
CA ALA A 378 -3.42 -13.03 9.61
C ALA A 378 -3.39 -13.26 8.09
N SER A 379 -4.49 -13.84 7.60
CA SER A 379 -4.80 -13.94 6.16
C SER A 379 -5.99 -13.01 5.94
N TRP A 380 -5.72 -11.79 5.50
CA TRP A 380 -6.81 -10.80 5.41
C TRP A 380 -7.63 -10.97 4.13
N ASP A 381 -8.91 -10.60 4.22
CA ASP A 381 -9.79 -10.61 3.06
C ASP A 381 -10.05 -9.18 2.59
N ALA A 382 -10.58 -9.08 1.36
CA ALA A 382 -11.02 -7.82 0.80
C ALA A 382 -9.99 -6.67 0.81
N GLU A 383 -8.70 -7.02 0.78
CA GLU A 383 -7.68 -5.96 0.72
C GLU A 383 -7.89 -5.19 -0.60
N GLU A 384 -8.26 -5.97 -1.65
CA GLU A 384 -8.34 -5.32 -2.95
C GLU A 384 -9.47 -4.31 -3.07
N PHE A 385 -10.44 -4.40 -2.13
CA PHE A 385 -11.57 -3.50 -2.17
C PHE A 385 -11.44 -2.36 -1.18
N GLY A 386 -10.20 -2.13 -0.68
CA GLY A 386 -9.97 -0.99 0.20
C GLY A 386 -9.43 -1.35 1.56
N LEU A 387 -8.66 -2.42 1.67
CA LEU A 387 -8.04 -2.77 2.96
C LEU A 387 -9.16 -3.10 3.97
N LEU A 388 -10.22 -3.72 3.47
CA LEU A 388 -11.44 -3.82 4.33
C LEU A 388 -11.25 -4.85 5.44
N GLY A 389 -10.72 -6.01 5.18
CA GLY A 389 -10.58 -7.08 6.18
C GLY A 389 -9.66 -6.66 7.33
N SER A 390 -8.49 -6.12 7.03
CA SER A 390 -7.51 -5.74 8.05
C SER A 390 -8.17 -4.62 8.87
N THR A 391 -8.79 -3.66 8.18
CA THR A 391 -9.32 -2.45 8.88
C THR A 391 -10.46 -2.83 9.77
N GLU A 392 -11.36 -3.68 9.30
CA GLU A 392 -12.55 -3.99 10.17
C GLU A 392 -12.04 -4.77 11.38
N TRP A 393 -11.11 -5.71 11.21
CA TRP A 393 -10.54 -6.44 12.34
C TRP A 393 -9.86 -5.51 13.34
N ALA A 394 -9.05 -4.58 12.85
CA ALA A 394 -8.41 -3.66 13.72
C ALA A 394 -9.43 -2.76 14.40
N GLU A 395 -10.48 -2.34 13.69
CA GLU A 395 -11.57 -1.60 14.38
C GLU A 395 -12.15 -2.45 15.53
N GLU A 396 -12.36 -3.73 15.29
CA GLU A 396 -12.98 -4.57 16.33
C GLU A 396 -12.03 -4.65 17.54
N ASN A 397 -10.74 -4.78 17.24
CA ASN A 397 -9.73 -5.11 18.28
C ASN A 397 -8.83 -3.95 18.67
N SER A 398 -9.27 -2.72 18.35
CA SER A 398 -8.41 -1.56 18.54
C SER A 398 -7.87 -1.39 19.96
N ARG A 399 -8.70 -1.70 20.97
CA ARG A 399 -8.17 -1.53 22.35
C ARG A 399 -7.06 -2.54 22.69
N LEU A 400 -7.22 -3.77 22.22
CA LEU A 400 -6.19 -4.76 22.44
C LEU A 400 -4.93 -4.34 21.69
N LEU A 401 -5.09 -3.85 20.45
CA LEU A 401 -3.92 -3.53 19.64
C LEU A 401 -3.19 -2.31 20.17
N GLN A 402 -3.96 -1.29 20.60
CA GLN A 402 -3.48 -0.01 21.17
C GLN A 402 -2.53 -0.32 22.34
N GLU A 403 -2.99 -1.22 23.20
CA GLU A 403 -2.26 -1.41 24.46
C GLU A 403 -1.27 -2.56 24.44
N ARG A 404 -1.37 -3.41 23.43
CA ARG A 404 -0.55 -4.63 23.39
C ARG A 404 0.30 -4.82 22.13
N GLY A 405 0.04 -4.01 21.13
CA GLY A 405 0.67 -4.24 19.82
C GLY A 405 2.09 -3.77 19.76
N VAL A 406 3.02 -4.71 19.55
CA VAL A 406 4.40 -4.37 19.44
C VAL A 406 4.75 -3.90 18.01
N ALA A 407 4.34 -4.73 17.04
CA ALA A 407 4.71 -4.46 15.66
C ALA A 407 3.86 -5.26 14.71
N TYR A 408 3.80 -4.71 13.49
CA TYR A 408 3.03 -5.31 12.37
C TYR A 408 3.98 -5.39 11.18
N ILE A 409 4.14 -6.63 10.67
CA ILE A 409 4.93 -6.87 9.47
C ILE A 409 3.94 -7.33 8.38
N ASN A 410 3.93 -6.55 7.30
CA ASN A 410 3.00 -6.88 6.22
C ASN A 410 3.57 -8.00 5.34
N ALA A 411 2.69 -8.67 4.59
CA ALA A 411 3.21 -9.73 3.71
C ALA A 411 2.33 -9.89 2.47
N ASP A 412 2.22 -8.81 1.68
CA ASP A 412 1.61 -8.94 0.37
C ASP A 412 2.74 -9.42 -0.57
N SER A 413 2.61 -9.12 -1.87
CA SER A 413 3.53 -9.65 -2.92
C SER A 413 4.98 -9.72 -2.43
N SER A 414 5.58 -10.92 -2.56
CA SER A 414 6.99 -11.12 -2.14
C SER A 414 7.98 -10.63 -3.19
N ILE A 415 7.49 -10.48 -4.43
CA ILE A 415 8.35 -10.10 -5.54
C ILE A 415 7.65 -9.11 -6.48
N GLU A 416 8.37 -8.12 -6.95
CA GLU A 416 7.87 -7.28 -8.06
C GLU A 416 9.01 -7.14 -9.08
N GLY A 417 10.01 -7.97 -8.90
CA GLY A 417 11.22 -7.93 -9.72
C GLY A 417 12.23 -8.89 -9.13
N ASN A 418 13.41 -8.98 -9.73
CA ASN A 418 14.38 -9.99 -9.24
C ASN A 418 15.76 -9.35 -9.05
N TYR A 419 15.77 -8.06 -8.80
CA TYR A 419 17.02 -7.30 -8.76
C TYR A 419 17.59 -7.17 -7.34
N THR A 420 16.81 -6.60 -6.41
CA THR A 420 17.35 -6.42 -5.06
C THR A 420 16.19 -6.26 -4.08
N LEU A 421 16.55 -6.12 -2.81
CA LEU A 421 15.55 -5.97 -1.75
C LEU A 421 14.97 -4.59 -1.73
N ARG A 422 13.71 -4.51 -1.29
CA ARG A 422 13.02 -3.26 -1.05
C ARG A 422 12.46 -3.38 0.38
N VAL A 423 12.77 -2.38 1.20
CA VAL A 423 12.15 -2.34 2.56
C VAL A 423 11.55 -0.95 2.76
N ASP A 424 10.31 -0.88 3.28
CA ASP A 424 9.72 0.39 3.73
C ASP A 424 9.29 0.10 5.20
N CYS A 425 9.71 0.95 6.14
CA CYS A 425 9.34 0.67 7.53
C CYS A 425 9.52 1.90 8.38
N THR A 426 9.02 1.82 9.61
CA THR A 426 9.29 2.87 10.58
C THR A 426 10.81 2.94 10.90
N PRO A 427 11.30 4.14 11.16
CA PRO A 427 12.69 4.29 11.61
C PRO A 427 13.02 3.35 12.78
N LEU A 428 12.03 3.03 13.64
CA LEU A 428 12.33 2.18 14.78
C LEU A 428 12.86 0.80 14.40
N MET A 429 12.61 0.37 13.15
CA MET A 429 13.09 -0.95 12.70
C MET A 429 14.32 -0.90 11.80
N TYR A 430 14.89 0.26 11.58
CA TYR A 430 16.05 0.38 10.65
C TYR A 430 17.18 -0.52 11.12
N SER A 431 17.52 -0.40 12.41
CA SER A 431 18.65 -1.17 12.96
C SER A 431 18.41 -2.66 12.93
N LEU A 432 17.22 -3.11 13.30
CA LEU A 432 16.81 -4.49 13.19
C LEU A 432 17.02 -5.01 11.73
N VAL A 433 16.61 -4.20 10.77
CA VAL A 433 16.70 -4.61 9.35
C VAL A 433 18.15 -4.71 8.91
N HIS A 434 18.95 -3.73 9.30
CA HIS A 434 20.39 -3.74 8.93
C HIS A 434 21.01 -4.99 9.54
N ASN A 435 20.74 -5.23 10.82
CA ASN A 435 21.37 -6.36 11.49
C ASN A 435 20.92 -7.69 10.92
N LEU A 436 19.63 -7.82 10.63
CA LEU A 436 19.15 -9.10 10.16
C LEU A 436 19.73 -9.40 8.78
N THR A 437 19.71 -8.40 7.91
CA THR A 437 20.20 -8.64 6.53
C THR A 437 21.71 -8.92 6.46
N LYS A 438 22.48 -8.42 7.42
CA LYS A 438 23.92 -8.79 7.50
C LYS A 438 24.13 -10.28 7.84
N GLU A 439 23.12 -10.94 8.39
CA GLU A 439 23.19 -12.34 8.78
C GLU A 439 22.58 -13.27 7.73
N LEU A 440 21.95 -12.71 6.71
CA LEU A 440 21.29 -13.55 5.71
C LEU A 440 22.16 -13.60 4.46
N LYS A 441 22.06 -14.72 3.75
CA LYS A 441 22.82 -14.89 2.50
C LYS A 441 22.15 -14.14 1.34
N SER A 442 22.94 -13.53 0.49
CA SER A 442 22.37 -12.93 -0.71
C SER A 442 21.97 -14.03 -1.70
N PRO A 443 20.80 -13.89 -2.32
CA PRO A 443 20.41 -14.87 -3.33
C PRO A 443 20.89 -14.44 -4.71
N ASP A 444 21.56 -13.28 -4.80
CA ASP A 444 21.83 -12.63 -6.09
C ASP A 444 23.01 -13.29 -6.81
N GLU A 445 22.91 -13.38 -8.15
CA GLU A 445 24.06 -13.79 -8.96
C GLU A 445 25.22 -12.81 -8.78
N GLY A 446 26.41 -13.32 -8.54
CA GLY A 446 27.55 -12.41 -8.40
C GLY A 446 27.84 -12.11 -6.95
N PHE A 447 26.91 -12.48 -6.06
CA PHE A 447 27.10 -12.22 -4.62
C PHE A 447 27.05 -13.51 -3.83
N GLU A 448 27.39 -14.61 -4.47
CA GLU A 448 27.45 -15.89 -3.81
C GLU A 448 28.39 -15.75 -2.62
N GLY A 449 27.97 -16.28 -1.48
CA GLY A 449 28.75 -16.14 -0.24
C GLY A 449 28.82 -14.76 0.41
N LYS A 450 28.13 -13.77 -0.14
CA LYS A 450 28.06 -12.46 0.46
C LYS A 450 26.70 -12.32 1.16
N SER A 451 26.63 -11.37 2.10
CA SER A 451 25.37 -11.14 2.85
C SER A 451 24.38 -10.42 1.94
N LEU A 452 23.10 -10.56 2.30
CA LEU A 452 22.03 -9.78 1.67
C LEU A 452 22.26 -8.29 1.90
N TYR A 453 22.76 -7.92 3.09
CA TYR A 453 23.05 -6.52 3.35
C TYR A 453 24.01 -5.98 2.31
N GLU A 454 25.02 -6.78 2.00
CA GLU A 454 26.03 -6.32 1.04
C GLU A 454 25.46 -6.12 -0.39
N SER A 455 24.68 -7.10 -0.88
CA SER A 455 24.09 -7.00 -2.23
C SER A 455 23.07 -5.86 -2.31
N TRP A 456 22.23 -5.79 -1.28
CA TRP A 456 21.22 -4.74 -1.21
C TRP A 456 21.83 -3.34 -1.15
N THR A 457 22.83 -3.15 -0.29
CA THR A 457 23.46 -1.86 -0.17
C THR A 457 24.17 -1.47 -1.48
N LYS A 458 24.81 -2.44 -2.13
CA LYS A 458 25.45 -2.14 -3.41
C LYS A 458 24.43 -1.73 -4.48
N LYS A 459 23.31 -2.46 -4.58
CA LYS A 459 22.30 -2.20 -5.66
C LYS A 459 21.34 -1.07 -5.34
N SER A 460 21.12 -0.82 -4.06
CA SER A 460 20.18 0.22 -3.65
C SER A 460 20.76 1.11 -2.54
N PRO A 461 21.78 1.91 -2.88
CA PRO A 461 22.46 2.72 -1.86
C PRO A 461 21.52 3.76 -1.28
N SER A 462 21.65 3.98 0.01
CA SER A 462 20.99 5.09 0.67
C SER A 462 21.38 6.42 0.00
N PRO A 463 20.41 7.30 -0.25
CA PRO A 463 20.74 8.61 -0.83
C PRO A 463 21.45 9.53 0.17
N GLU A 464 21.25 9.29 1.47
CA GLU A 464 21.93 10.08 2.52
C GLU A 464 23.25 9.49 3.04
N PHE A 465 23.39 8.16 3.11
CA PHE A 465 24.54 7.57 3.80
C PHE A 465 25.33 6.54 3.00
N SER A 466 26.65 6.72 2.97
CA SER A 466 27.54 5.76 2.30
C SER A 466 27.57 4.46 3.10
N GLY A 467 27.52 3.33 2.40
CA GLY A 467 27.71 2.05 3.05
C GLY A 467 26.46 1.53 3.71
N MET A 468 25.35 2.25 3.48
CA MET A 468 24.00 1.84 3.94
C MET A 468 22.96 1.75 2.79
N PRO A 469 21.97 0.85 2.93
CA PRO A 469 20.93 0.68 1.92
C PRO A 469 19.77 1.66 2.07
N ARG A 470 19.01 1.86 0.98
CA ARG A 470 17.84 2.70 1.00
C ARG A 470 16.74 2.00 1.79
N ILE A 471 16.08 2.72 2.71
CA ILE A 471 14.85 2.18 3.32
C ILE A 471 13.87 3.33 3.23
N SER A 472 12.69 3.06 2.67
CA SER A 472 11.74 4.12 2.34
C SER A 472 10.74 4.24 3.47
N LYS A 473 10.02 5.36 3.45
CA LYS A 473 8.93 5.57 4.40
C LYS A 473 7.79 4.69 3.96
N LEU A 474 6.94 4.33 4.91
CA LEU A 474 5.75 3.61 4.55
C LEU A 474 4.79 4.57 3.93
N GLY A 475 4.18 4.12 2.83
CA GLY A 475 3.08 4.88 2.24
C GLY A 475 1.75 4.28 2.67
N SER A 476 0.92 3.96 1.69
CA SER A 476 -0.29 3.19 2.02
C SER A 476 -0.68 2.38 0.80
N GLY A 477 -1.94 1.95 0.72
CA GLY A 477 -2.35 1.02 -0.36
C GLY A 477 -2.04 -0.43 0.01
N ASN A 478 -1.85 -0.71 1.32
CA ASN A 478 -1.78 -2.07 1.80
C ASN A 478 -2.17 -2.20 3.27
N ASP A 479 -2.23 -3.43 3.77
CA ASP A 479 -2.96 -3.73 5.00
C ASP A 479 -2.29 -3.23 6.27
N PHE A 480 -1.07 -2.74 6.15
CA PHE A 480 -0.48 -2.11 7.35
C PHE A 480 -1.10 -0.74 7.67
N GLU A 481 -1.92 -0.15 6.80
CA GLU A 481 -2.38 1.26 6.99
C GLU A 481 -3.08 1.44 8.36
N VAL A 482 -3.98 0.53 8.69
CA VAL A 482 -4.74 0.76 9.94
C VAL A 482 -3.77 0.67 11.12
N PHE A 483 -2.84 -0.28 11.04
CA PHE A 483 -1.96 -0.50 12.20
C PHE A 483 -1.03 0.66 12.39
N PHE A 484 -0.46 1.17 11.30
CA PHE A 484 0.53 2.26 11.41
C PHE A 484 -0.08 3.65 11.50
N GLN A 485 -0.83 4.04 10.47
CA GLN A 485 -1.30 5.43 10.41
C GLN A 485 -2.51 5.68 11.33
N ARG A 486 -3.34 4.66 11.61
CA ARG A 486 -4.46 4.94 12.55
C ARG A 486 -4.05 4.64 13.98
N LEU A 487 -3.46 3.47 14.20
CA LEU A 487 -3.21 3.01 15.57
C LEU A 487 -1.80 3.30 16.10
N GLY A 488 -0.83 3.59 15.24
CA GLY A 488 0.48 3.91 15.74
C GLY A 488 1.26 2.70 16.24
N ILE A 489 1.14 1.59 15.51
CA ILE A 489 1.91 0.37 15.82
C ILE A 489 3.08 0.32 14.82
N ALA A 490 4.30 0.19 15.32
CA ALA A 490 5.51 0.12 14.46
C ALA A 490 5.26 -0.91 13.38
N SER A 491 5.49 -0.53 12.12
CA SER A 491 5.14 -1.44 11.04
C SER A 491 6.26 -1.46 10.01
N GLY A 492 6.26 -2.54 9.23
CA GLY A 492 7.27 -2.62 8.14
C GLY A 492 6.82 -3.61 7.04
N ARG A 493 7.52 -3.53 5.91
CA ARG A 493 7.24 -4.46 4.78
C ARG A 493 8.55 -4.66 4.03
N ALA A 494 8.63 -5.76 3.29
CA ALA A 494 9.88 -6.04 2.52
C ALA A 494 9.51 -6.96 1.37
N ARG A 495 10.17 -6.77 0.24
CA ARG A 495 9.95 -7.67 -0.92
C ARG A 495 11.13 -7.52 -1.82
N TYR A 496 11.22 -8.41 -2.79
CA TYR A 496 12.21 -8.24 -3.88
C TYR A 496 11.65 -7.36 -4.98
N THR A 497 12.50 -6.52 -5.56
CA THR A 497 12.03 -5.50 -6.47
C THR A 497 12.95 -5.41 -7.72
N LYS A 498 12.53 -4.56 -8.65
CA LYS A 498 13.24 -4.35 -9.92
C LYS A 498 14.28 -3.25 -9.78
N ASN A 499 15.06 -3.05 -10.83
CA ASN A 499 16.00 -1.93 -10.87
C ASN A 499 15.22 -0.75 -11.35
N TRP A 500 14.90 0.16 -10.44
CA TRP A 500 14.06 1.33 -10.75
C TRP A 500 14.82 2.34 -11.64
N GLU A 501 15.97 1.89 -12.15
CA GLU A 501 16.90 2.68 -12.97
C GLU A 501 16.79 2.30 -14.45
N THR A 502 16.82 1.00 -14.73
CA THR A 502 16.62 0.50 -16.11
C THR A 502 15.19 0.73 -16.62
N ASN A 503 14.19 0.59 -15.75
CA ASN A 503 12.79 0.71 -16.17
C ASN A 503 12.07 1.97 -15.65
N GLY A 507 5.18 -0.10 -11.22
CA GLY A 507 5.14 -1.39 -10.45
C GLY A 507 5.68 -2.55 -11.26
N TYR A 508 4.87 -3.62 -11.46
CA TYR A 508 5.25 -4.68 -12.43
C TYR A 508 4.16 -4.73 -13.52
N PRO A 509 4.55 -5.07 -14.75
CA PRO A 509 3.58 -4.90 -15.83
C PRO A 509 2.26 -5.63 -15.75
N LEU A 510 2.25 -6.83 -15.20
CA LEU A 510 1.03 -7.68 -15.22
C LEU A 510 0.16 -7.47 -13.98
N TYR A 511 0.54 -6.45 -13.21
CA TYR A 511 -0.27 -6.06 -12.02
C TYR A 511 -1.77 -6.04 -12.25
N HIS A 512 -2.51 -6.83 -11.45
CA HIS A 512 -4.00 -6.85 -11.40
C HIS A 512 -4.66 -7.27 -12.72
N SER A 513 -3.85 -7.91 -13.53
CA SER A 513 -4.38 -8.56 -14.75
C SER A 513 -4.57 -10.10 -14.60
N VAL A 514 -5.35 -10.65 -15.54
CA VAL A 514 -5.60 -12.11 -15.59
C VAL A 514 -4.27 -12.85 -15.82
N TYR A 515 -3.23 -12.15 -16.30
CA TYR A 515 -1.95 -12.83 -16.65
C TYR A 515 -1.02 -13.06 -15.47
N GLU A 516 -1.40 -12.53 -14.30
CA GLU A 516 -0.62 -12.72 -13.07
C GLU A 516 -0.91 -14.12 -12.56
N THR A 517 -0.10 -15.11 -12.96
CA THR A 517 -0.37 -16.51 -12.71
C THR A 517 0.83 -17.19 -12.06
N TYR A 518 0.66 -18.43 -11.63
CA TYR A 518 1.77 -19.22 -11.14
C TYR A 518 2.84 -19.28 -12.21
N GLU A 519 2.41 -19.41 -13.47
CA GLU A 519 3.45 -19.57 -14.51
C GLU A 519 4.28 -18.33 -14.70
N LEU A 520 3.67 -17.15 -14.55
CA LEU A 520 4.44 -15.92 -14.60
C LEU A 520 5.58 -15.95 -13.63
N VAL A 521 5.29 -16.38 -12.40
CA VAL A 521 6.31 -16.36 -11.36
C VAL A 521 7.38 -17.44 -11.60
N GLU A 522 6.93 -18.67 -11.82
CA GLU A 522 7.83 -19.81 -11.99
C GLU A 522 8.73 -19.70 -13.24
N LYS A 523 8.23 -19.07 -14.32
CA LYS A 523 9.01 -19.03 -15.57
C LYS A 523 9.88 -17.80 -15.62
N PHE A 524 9.36 -16.68 -15.13
CA PHE A 524 9.99 -15.41 -15.42
C PHE A 524 10.54 -14.68 -14.23
N TYR A 525 9.92 -14.84 -13.05
CA TYR A 525 10.41 -14.06 -11.90
C TYR A 525 11.37 -14.80 -11.01
N ASP A 526 11.02 -16.02 -10.65
CA ASP A 526 11.74 -16.73 -9.59
C ASP A 526 11.69 -18.23 -9.70
N PRO A 527 12.28 -18.77 -10.79
CA PRO A 527 12.13 -20.19 -11.05
C PRO A 527 12.63 -21.08 -9.94
N MET A 528 13.67 -20.65 -9.23
CA MET A 528 14.23 -21.43 -8.11
C MET A 528 13.58 -21.07 -6.76
N PHE A 529 12.71 -20.08 -6.76
CA PHE A 529 12.07 -19.63 -5.51
C PHE A 529 13.05 -19.14 -4.48
N LYS A 530 14.22 -18.75 -4.94
CA LYS A 530 15.24 -18.24 -4.04
C LYS A 530 14.95 -16.81 -3.58
N TYR A 531 14.32 -15.96 -4.39
CA TYR A 531 13.98 -14.62 -3.94
C TYR A 531 12.84 -14.71 -2.95
N HIS A 532 11.88 -15.60 -3.21
CA HIS A 532 10.80 -15.87 -2.22
C HIS A 532 11.40 -16.32 -0.90
N LEU A 533 12.35 -17.25 -0.97
CA LEU A 533 12.94 -17.71 0.25
C LEU A 533 13.64 -16.60 1.00
N THR A 534 14.34 -15.74 0.28
CA THR A 534 15.05 -14.59 0.89
C THR A 534 14.02 -13.69 1.59
N VAL A 535 12.93 -13.43 0.87
CA VAL A 535 11.86 -12.58 1.51
C VAL A 535 11.24 -13.27 2.72
N ALA A 536 11.07 -14.59 2.71
CA ALA A 536 10.53 -15.32 3.87
C ALA A 536 11.53 -15.15 5.03
N GLN A 537 12.82 -15.23 4.72
CA GLN A 537 13.85 -14.99 5.74
C GLN A 537 13.82 -13.59 6.36
N VAL A 538 13.61 -12.56 5.54
CA VAL A 538 13.56 -11.15 6.04
C VAL A 538 12.28 -11.01 6.83
N ARG A 539 11.13 -11.34 6.25
CA ARG A 539 9.86 -11.14 7.02
C ARG A 539 9.82 -11.99 8.28
N GLY A 540 10.17 -13.26 8.15
CA GLY A 540 10.08 -14.18 9.28
C GLY A 540 11.13 -13.85 10.32
N GLY A 541 12.32 -13.46 9.88
CA GLY A 541 13.39 -13.09 10.79
C GLY A 541 12.99 -11.90 11.59
N MET A 542 12.37 -10.93 10.93
CA MET A 542 11.89 -9.72 11.67
C MET A 542 10.89 -10.13 12.69
N VAL A 543 9.90 -10.96 12.34
CA VAL A 543 8.92 -11.41 13.30
C VAL A 543 9.60 -12.14 14.45
N PHE A 544 10.57 -13.03 14.11
CA PHE A 544 11.28 -13.77 15.14
C PHE A 544 11.94 -12.86 16.18
N GLU A 545 12.71 -11.91 15.71
CA GLU A 545 13.44 -10.97 16.60
C GLU A 545 12.45 -10.15 17.40
N LEU A 546 11.43 -9.60 16.73
CA LEU A 546 10.42 -8.81 17.48
C LEU A 546 9.73 -9.59 18.58
N ALA A 547 9.45 -10.87 18.34
CA ALA A 547 8.65 -11.71 19.25
C ALA A 547 9.59 -12.35 20.30
N ASN A 548 10.90 -12.34 20.05
CA ASN A 548 11.81 -13.14 20.95
C ASN A 548 12.89 -12.43 21.68
N SER A 549 13.34 -11.30 21.14
CA SER A 549 14.40 -10.50 21.74
C SER A 549 13.95 -10.04 23.12
N ILE A 550 14.87 -10.09 24.07
CA ILE A 550 14.50 -9.69 25.44
C ILE A 550 14.12 -8.21 25.49
N VAL A 551 15.00 -7.37 24.96
CA VAL A 551 14.73 -5.95 24.79
C VAL A 551 14.15 -5.85 23.36
N LEU A 552 13.02 -5.16 23.20
CA LEU A 552 12.48 -4.95 21.84
C LEU A 552 13.54 -4.36 20.94
N PRO A 553 13.61 -4.88 19.68
CA PRO A 553 14.71 -4.46 18.80
C PRO A 553 14.40 -3.18 18.02
N PHE A 554 14.11 -2.11 18.76
CA PHE A 554 13.83 -0.78 18.22
C PHE A 554 14.92 0.17 18.67
N ASP A 555 15.37 1.03 17.78
CA ASP A 555 16.36 2.03 18.15
C ASP A 555 15.74 3.41 18.01
N CYS A 556 15.33 4.01 19.15
CA CYS A 556 14.73 5.35 19.08
C CYS A 556 15.64 6.41 18.49
N ARG A 557 16.96 6.24 18.54
CA ARG A 557 17.83 7.25 17.97
C ARG A 557 17.68 7.37 16.43
N ASP A 558 17.29 6.27 15.78
CA ASP A 558 17.05 6.34 14.35
C ASP A 558 15.84 7.24 14.01
N TYR A 559 14.85 7.31 14.91
CA TYR A 559 13.78 8.26 14.66
C TYR A 559 14.28 9.68 14.77
N ALA A 560 15.19 9.94 15.72
CA ALA A 560 15.70 11.30 15.91
C ALA A 560 16.40 11.82 14.65
N VAL A 561 17.14 10.93 14.00
CA VAL A 561 17.84 11.31 12.78
C VAL A 561 16.86 11.66 11.66
N VAL A 562 15.82 10.84 11.50
CA VAL A 562 14.93 11.10 10.38
C VAL A 562 14.05 12.32 10.67
N LEU A 563 13.68 12.55 11.94
CA LEU A 563 12.84 13.72 12.26
C LEU A 563 13.59 15.00 11.89
N ARG A 564 14.90 15.02 12.10
CA ARG A 564 15.67 16.20 11.68
C ARG A 564 15.69 16.39 10.15
N LYS A 565 15.88 15.30 9.41
CA LYS A 565 15.73 15.34 7.95
C LYS A 565 14.35 15.88 7.50
N TYR A 566 13.27 15.35 8.12
CA TYR A 566 11.96 15.84 7.73
C TYR A 566 11.72 17.26 8.12
N ALA A 567 12.23 17.69 9.29
CA ALA A 567 12.14 19.11 9.66
C ALA A 567 12.88 20.02 8.68
N ASP A 568 14.11 19.63 8.33
CA ASP A 568 14.83 20.41 7.28
C ASP A 568 14.03 20.50 5.95
N LYS A 569 13.41 19.37 5.58
CA LYS A 569 12.69 19.31 4.32
C LYS A 569 11.47 20.22 4.34
N ILE A 570 10.67 20.13 5.40
CA ILE A 570 9.48 20.98 5.42
C ILE A 570 9.81 22.49 5.60
N TYR A 571 10.87 22.77 6.36
CA TYR A 571 11.32 24.15 6.46
C TYR A 571 11.75 24.67 5.07
N SER A 572 12.44 23.82 4.31
CA SER A 572 12.86 24.24 2.97
C SER A 572 11.68 24.52 2.05
N ILE A 573 10.60 23.74 2.19
CA ILE A 573 9.43 24.03 1.40
C ILE A 573 8.86 25.39 1.77
N SER A 574 8.78 25.68 3.06
CA SER A 574 8.19 26.94 3.49
C SER A 574 9.02 28.13 3.01
N MET A 575 10.33 27.95 3.04
CA MET A 575 11.29 29.01 2.67
C MET A 575 11.30 29.39 1.19
N LYS A 576 10.50 28.74 0.36
CA LYS A 576 10.20 29.20 -0.99
C LYS A 576 9.32 30.45 -0.94
N HIS A 577 8.82 30.78 0.26
CA HIS A 577 7.90 31.92 0.47
C HIS A 577 8.42 32.85 1.58
N PRO A 578 9.66 33.39 1.41
CA PRO A 578 10.26 34.18 2.50
C PRO A 578 9.47 35.44 2.84
N GLN A 579 8.85 36.10 1.86
CA GLN A 579 8.08 37.28 2.18
C GLN A 579 6.88 36.94 3.08
N GLU A 580 6.18 35.84 2.77
CA GLU A 580 5.06 35.48 3.63
C GLU A 580 5.49 35.03 5.02
N MET A 581 6.63 34.35 5.13
CA MET A 581 7.09 33.92 6.45
C MET A 581 7.40 35.15 7.31
N LYS A 582 7.93 36.22 6.66
CA LYS A 582 8.17 37.49 7.36
C LYS A 582 6.87 38.15 7.79
N THR A 583 5.94 38.30 6.85
CA THR A 583 4.68 38.97 7.09
C THR A 583 3.86 38.31 8.18
N TYR A 584 3.78 36.97 8.13
CA TYR A 584 2.93 36.27 9.10
C TYR A 584 3.71 35.65 10.24
N SER A 585 5.00 35.99 10.36
CA SER A 585 5.84 35.54 11.47
C SER A 585 5.80 34.01 11.61
N VAL A 586 6.09 33.36 10.49
CA VAL A 586 6.03 31.89 10.43
C VAL A 586 7.38 31.36 10.89
N SER A 587 7.43 30.81 12.10
CA SER A 587 8.69 30.24 12.62
C SER A 587 8.64 28.74 12.79
N PHE A 588 9.71 28.08 12.37
CA PHE A 588 9.93 26.66 12.62
C PHE A 588 10.74 26.39 13.87
N ASP A 589 11.05 27.46 14.65
CA ASP A 589 11.87 27.24 15.84
C ASP A 589 11.35 26.20 16.79
N SER A 590 10.03 26.17 17.01
CA SER A 590 9.53 25.19 17.97
C SER A 590 9.71 23.76 17.47
N LEU A 591 9.57 23.55 16.15
CA LEU A 591 9.74 22.20 15.63
C LEU A 591 11.21 21.71 15.72
N PHE A 592 12.15 22.59 15.40
CA PHE A 592 13.56 22.20 15.54
C PHE A 592 13.96 22.01 17.00
N SER A 593 13.40 22.85 17.90
CA SER A 593 13.57 22.63 19.33
C SER A 593 13.09 21.26 19.80
N ALA A 594 11.89 20.87 19.33
CA ALA A 594 11.36 19.58 19.73
C ALA A 594 12.25 18.43 19.22
N VAL A 595 12.75 18.61 17.99
CA VAL A 595 13.53 17.54 17.35
C VAL A 595 14.88 17.43 18.08
N LYS A 596 15.44 18.59 18.44
CA LYS A 596 16.65 18.60 19.30
C LYS A 596 16.44 17.93 20.65
N ASN A 597 15.33 18.25 21.32
CA ASN A 597 15.00 17.56 22.52
C ASN A 597 14.84 16.05 22.37
N PHE A 598 14.12 15.62 21.31
CA PHE A 598 13.93 14.24 21.06
C PHE A 598 15.30 13.53 20.90
N THR A 599 16.20 14.21 20.21
CA THR A 599 17.54 13.62 19.96
C THR A 599 18.31 13.46 21.27
N GLU A 600 18.28 14.51 22.11
CA GLU A 600 18.91 14.44 23.45
C GLU A 600 18.31 13.39 24.33
N ILE A 601 16.97 13.34 24.43
CA ILE A 601 16.34 12.39 25.29
C ILE A 601 16.49 10.92 24.84
N ALA A 602 16.43 10.72 23.51
CA ALA A 602 16.55 9.39 22.94
C ALA A 602 17.99 8.88 23.21
N SER A 603 18.96 9.78 23.10
CA SER A 603 20.37 9.40 23.42
C SER A 603 20.50 8.93 24.88
N LYS A 604 19.92 9.69 25.80
CA LYS A 604 19.91 9.28 27.20
C LYS A 604 19.14 8.00 27.47
N PHE A 605 17.96 7.84 26.84
CA PHE A 605 17.21 6.63 26.99
C PHE A 605 18.04 5.42 26.51
N SER A 606 18.72 5.59 25.39
CA SER A 606 19.54 4.50 24.84
C SER A 606 20.66 4.05 25.81
N GLU A 607 21.32 5.03 26.44
CA GLU A 607 22.30 4.72 27.51
C GLU A 607 21.67 3.91 28.62
N ARG A 608 20.50 4.35 29.13
CA ARG A 608 19.89 3.57 30.18
C ARG A 608 19.52 2.19 29.73
N LEU A 609 19.15 2.05 28.46
CA LEU A 609 18.65 0.77 27.96
C LEU A 609 19.80 -0.23 27.91
N GLN A 610 20.98 0.30 27.63
CA GLN A 610 22.14 -0.56 27.61
C GLN A 610 22.74 -0.78 29.00
N ASP A 611 22.57 0.21 29.90
CA ASP A 611 23.13 0.26 31.27
C ASP A 611 22.23 -0.27 32.36
N PHE A 612 20.98 -0.56 32.07
CA PHE A 612 20.11 -1.02 33.14
C PHE A 612 20.40 -2.44 33.51
N SER A 615 19.07 -7.79 35.47
N SER A 615 17.06 -9.22 34.16
CA SER A 615 18.22 -8.72 36.16
CA SER A 615 16.45 -10.31 34.93
C SER A 615 16.82 -8.21 36.52
C SER A 615 15.49 -9.75 35.99
N ASN A 616 16.50 -6.94 36.27
N ASN A 616 15.31 -8.43 36.01
CA ASN A 616 15.22 -6.42 36.72
CA ASN A 616 14.27 -7.81 36.84
C ASN A 616 14.15 -6.46 35.62
C ASN A 616 12.98 -7.67 35.98
N PRO A 617 13.18 -7.39 35.74
N PRO A 617 12.00 -8.60 36.13
CA PRO A 617 12.21 -7.53 34.66
CA PRO A 617 10.87 -8.59 35.18
C PRO A 617 11.26 -6.34 34.60
C PRO A 617 10.12 -7.25 35.06
N ILE A 618 11.02 -5.67 35.73
N ILE A 618 9.82 -6.57 36.17
CA ILE A 618 10.13 -4.51 35.75
CA ILE A 618 9.08 -5.31 36.03
C ILE A 618 10.78 -3.29 35.03
C ILE A 618 9.92 -4.22 35.40
N VAL A 619 12.05 -3.04 35.30
N VAL A 619 11.21 -4.14 35.73
CA VAL A 619 12.77 -2.01 34.58
CA VAL A 619 12.02 -3.08 35.12
C VAL A 619 12.82 -2.37 33.09
C VAL A 619 12.09 -3.37 33.62
N LEU A 620 13.05 -3.64 32.79
N LEU A 620 12.27 -4.62 33.25
CA LEU A 620 13.10 -4.08 31.39
CA LEU A 620 12.28 -4.95 31.85
C LEU A 620 11.76 -3.78 30.70
C LEU A 620 10.95 -4.59 31.22
N ARG A 621 10.66 -4.17 31.34
N ARG A 621 9.87 -4.90 31.89
CA ARG A 621 9.35 -4.12 30.69
CA ARG A 621 8.58 -4.47 31.38
C ARG A 621 8.94 -2.70 30.71
C ARG A 621 8.45 -2.95 31.06
N MET A 622 9.09 -2.06 31.87
CA MET A 622 9.03 -0.57 31.74
C MET A 622 9.71 -0.03 30.51
N MET A 623 10.96 -0.48 30.26
CA MET A 623 11.69 0.01 29.14
C MET A 623 11.11 -0.52 27.80
N ASN A 624 10.66 -1.77 27.83
CA ASN A 624 10.00 -2.40 26.62
C ASN A 624 8.72 -1.61 26.34
N ASP A 625 7.96 -1.27 27.38
CA ASP A 625 6.76 -0.44 27.12
C ASP A 625 7.10 0.94 26.57
N GLN A 626 8.18 1.59 27.04
CA GLN A 626 8.57 2.87 26.49
C GLN A 626 8.90 2.68 25.01
N LEU A 627 9.53 1.56 24.69
CA LEU A 627 9.89 1.28 23.27
C LEU A 627 8.63 1.05 22.41
N MET A 628 7.69 0.26 22.95
CA MET A 628 6.46 -0.12 22.21
C MET A 628 5.58 1.12 22.02
N PHE A 629 5.49 1.93 23.07
CA PHE A 629 4.59 3.11 22.97
C PHE A 629 5.20 4.33 22.30
N LEU A 630 6.45 4.24 21.83
CA LEU A 630 7.05 5.37 21.17
C LEU A 630 6.39 5.64 19.81
N GLU A 631 6.19 4.62 18.98
CA GLU A 631 5.41 4.88 17.73
C GLU A 631 4.00 5.39 18.12
N ARG A 632 3.44 4.86 19.21
CA ARG A 632 2.09 5.24 19.64
C ARG A 632 2.01 6.72 19.96
N ALA A 633 3.13 7.27 20.44
CA ALA A 633 3.11 8.66 20.87
C ALA A 633 2.93 9.64 19.70
N PHE A 634 3.20 9.21 18.43
CA PHE A 634 3.06 10.13 17.33
C PHE A 634 1.65 10.23 16.85
N ILE A 635 0.73 9.50 17.48
CA ILE A 635 -0.70 9.55 17.12
C ILE A 635 -1.36 10.79 17.75
N ASP A 636 -2.12 11.54 16.95
CA ASP A 636 -2.93 12.65 17.45
C ASP A 636 -4.38 12.17 17.45
N PRO A 637 -5.04 12.14 18.61
CA PRO A 637 -6.37 11.55 18.59
C PRO A 637 -7.37 12.39 17.74
N LEU A 638 -7.03 13.64 17.42
CA LEU A 638 -7.95 14.45 16.60
C LEU A 638 -7.74 14.20 15.10
N GLY A 639 -6.71 13.43 14.73
CA GLY A 639 -6.47 13.08 13.34
C GLY A 639 -5.91 14.27 12.56
N LEU A 640 -5.63 14.06 11.27
CA LEU A 640 -5.25 15.14 10.39
C LEU A 640 -6.47 15.83 9.80
N PRO A 641 -6.33 17.07 9.30
CA PRO A 641 -7.47 17.83 8.76
C PRO A 641 -8.32 17.08 7.70
N ASP A 642 -9.60 16.89 8.01
CA ASP A 642 -10.53 16.14 7.17
C ASP A 642 -10.17 14.68 6.88
N ARG A 643 -9.19 14.15 7.63
CA ARG A 643 -8.79 12.73 7.46
C ARG A 643 -8.63 12.15 8.87
N PRO A 644 -9.76 11.92 9.55
CA PRO A 644 -9.72 11.56 10.97
C PRO A 644 -9.05 10.23 11.24
N PHE A 645 -8.94 9.35 10.21
CA PHE A 645 -8.31 8.02 10.44
C PHE A 645 -6.82 7.99 10.09
N TYR A 646 -6.31 9.17 9.66
CA TYR A 646 -4.87 9.28 9.53
C TYR A 646 -4.44 10.12 10.73
N ARG A 647 -3.90 9.45 11.73
CA ARG A 647 -3.68 10.08 13.03
C ARG A 647 -2.18 10.25 13.36
N HIS A 648 -1.31 9.66 12.53
CA HIS A 648 0.14 9.74 12.81
C HIS A 648 0.58 11.10 12.32
N VAL A 649 1.30 11.85 13.16
CA VAL A 649 1.65 13.23 12.84
C VAL A 649 2.92 13.31 11.98
N ILE A 650 3.68 12.24 12.02
CA ILE A 650 4.96 12.26 11.23
C ILE A 650 4.71 11.72 9.84
N TYR A 651 3.87 10.69 9.69
CA TYR A 651 3.65 10.03 8.40
C TYR A 651 2.18 9.94 8.02
N ALA A 652 1.81 10.33 6.80
CA ALA A 652 0.48 9.95 6.30
C ALA A 652 0.65 9.60 4.85
N PRO A 653 -0.31 8.88 4.28
CA PRO A 653 -0.28 8.71 2.81
C PRO A 653 -0.42 10.06 2.18
N SER A 654 0.32 10.29 1.10
CA SER A 654 0.24 11.55 0.40
C SER A 654 -1.19 11.89 -0.04
N SER A 655 -1.67 13.13 0.11
CA SER A 655 -3.02 13.49 -0.31
C SER A 655 -3.16 13.45 -1.86
N HIS A 656 -2.02 13.36 -2.54
CA HIS A 656 -2.01 13.28 -4.01
C HIS A 656 -1.71 11.90 -4.54
N ASN A 657 -1.39 10.96 -3.65
CA ASN A 657 -0.99 9.63 -4.11
C ASN A 657 -0.94 8.72 -2.90
N LYS A 658 -1.99 7.93 -2.71
CA LYS A 658 -2.06 7.06 -1.55
C LYS A 658 -0.88 6.14 -1.37
N TYR A 659 -0.20 5.77 -2.46
CA TYR A 659 0.89 4.79 -2.34
C TYR A 659 2.13 5.41 -1.69
N ALA A 660 2.29 6.73 -1.80
CA ALA A 660 3.49 7.38 -1.34
C ALA A 660 3.32 7.88 0.11
N GLY A 661 4.37 7.76 0.90
CA GLY A 661 4.32 8.40 2.23
C GLY A 661 4.68 9.85 2.16
N GLU A 662 4.05 10.67 2.99
CA GLU A 662 4.45 12.07 3.15
C GLU A 662 4.91 12.31 4.58
N SER A 663 6.00 13.03 4.78
CA SER A 663 6.43 13.35 6.14
C SER A 663 5.89 14.73 6.57
N PHE A 664 5.68 14.90 7.89
CA PHE A 664 4.99 16.09 8.39
C PHE A 664 3.81 16.46 7.51
N PRO A 665 2.88 15.50 7.31
CA PRO A 665 1.84 15.72 6.35
C PRO A 665 0.94 16.89 6.65
N GLY A 666 0.68 17.17 7.95
CA GLY A 666 -0.23 18.32 8.23
C GLY A 666 0.38 19.63 7.76
N ILE A 667 1.69 19.76 7.99
CA ILE A 667 2.36 21.01 7.54
C ILE A 667 2.49 20.96 6.01
N TYR A 668 2.86 19.81 5.46
CA TYR A 668 3.00 19.71 4.01
C TYR A 668 1.72 20.13 3.30
N ASP A 669 0.56 19.56 3.68
CA ASP A 669 -0.69 19.94 3.00
C ASP A 669 -1.07 21.40 3.25
N ALA A 670 -0.72 21.97 4.40
CA ALA A 670 -1.00 23.38 4.64
C ALA A 670 -0.18 24.27 3.71
N LEU A 671 1.01 23.82 3.36
CA LEU A 671 1.87 24.60 2.43
C LEU A 671 1.57 24.38 0.96
N PHE A 672 0.91 23.27 0.67
CA PHE A 672 0.89 22.83 -0.72
C PHE A 672 0.07 23.81 -1.51
N ASP A 673 0.64 24.30 -2.62
CA ASP A 673 -0.08 25.25 -3.50
C ASP A 673 -0.63 26.50 -2.75
N ILE A 674 0.09 26.91 -1.70
CA ILE A 674 -0.40 27.99 -0.83
C ILE A 674 -0.49 29.34 -1.57
N GLU A 675 0.41 29.52 -2.54
CA GLU A 675 0.46 30.77 -3.31
C GLU A 675 -0.82 31.01 -4.13
N SER A 676 -1.65 29.97 -4.28
CA SER A 676 -2.92 30.06 -4.98
C SER A 676 -4.09 30.33 -4.06
N LYS A 677 -3.86 30.34 -2.75
CA LYS A 677 -4.97 30.52 -1.83
C LYS A 677 -5.45 31.97 -1.81
N VAL A 678 -6.74 32.15 -1.69
CA VAL A 678 -7.34 33.47 -1.85
C VAL A 678 -7.11 34.37 -0.62
N ASP A 679 -6.99 33.73 0.55
CA ASP A 679 -6.82 34.44 1.81
C ASP A 679 -5.51 34.00 2.46
N PRO A 680 -4.39 34.66 2.12
CA PRO A 680 -3.08 34.23 2.63
C PRO A 680 -2.96 34.25 4.15
N SER A 681 -3.61 35.21 4.80
CA SER A 681 -3.53 35.28 6.25
C SER A 681 -4.06 34.00 6.91
N LYS A 682 -5.20 33.54 6.43
CA LYS A 682 -5.80 32.31 6.90
C LYS A 682 -4.91 31.09 6.55
N ALA A 683 -4.40 31.05 5.31
CA ALA A 683 -3.59 29.93 4.88
C ALA A 683 -2.31 29.83 5.70
N TRP A 684 -1.61 30.96 5.90
CA TRP A 684 -0.37 30.90 6.69
C TRP A 684 -0.63 30.66 8.20
N GLY A 685 -1.78 31.12 8.69
CA GLY A 685 -2.19 30.78 10.07
C GLY A 685 -2.35 29.28 10.21
N GLU A 686 -2.86 28.61 9.18
CA GLU A 686 -3.02 27.16 9.29
C GLU A 686 -1.67 26.47 9.20
N VAL A 687 -0.73 27.01 8.41
CA VAL A 687 0.61 26.46 8.44
C VAL A 687 1.17 26.57 9.87
N LYS A 688 1.02 27.75 10.49
CA LYS A 688 1.52 27.93 11.86
C LYS A 688 0.87 26.96 12.86
N ARG A 689 -0.43 26.74 12.67
CA ARG A 689 -1.12 25.78 13.52
C ARG A 689 -0.52 24.36 13.39
N GLN A 690 -0.24 23.95 12.15
CA GLN A 690 0.34 22.60 11.91
C GLN A 690 1.78 22.53 12.43
N ILE A 691 2.52 23.64 12.39
CA ILE A 691 3.85 23.62 13.00
C ILE A 691 3.75 23.38 14.50
N TYR A 692 2.82 24.07 15.15
CA TYR A 692 2.55 23.89 16.59
C TYR A 692 2.15 22.45 16.88
N VAL A 693 1.24 21.89 16.10
CA VAL A 693 0.86 20.51 16.38
C VAL A 693 2.01 19.53 16.22
N ALA A 694 2.82 19.75 15.18
CA ALA A 694 3.96 18.86 14.97
C ALA A 694 5.02 19.00 16.06
N ALA A 695 5.34 20.25 16.43
CA ALA A 695 6.36 20.46 17.49
C ALA A 695 5.90 19.87 18.81
N PHE A 696 4.63 20.11 19.12
CA PHE A 696 4.07 19.56 20.35
C PHE A 696 4.15 18.02 20.34
N THR A 697 3.77 17.39 19.22
CA THR A 697 3.70 15.94 19.19
C THR A 697 5.12 15.32 19.28
N VAL A 698 6.07 15.99 18.60
CA VAL A 698 7.45 15.48 18.67
C VAL A 698 7.99 15.59 20.10
N GLN A 699 7.70 16.74 20.75
CA GLN A 699 8.13 16.90 22.15
C GLN A 699 7.43 15.92 23.08
N ALA A 700 6.13 15.66 22.85
CA ALA A 700 5.40 14.76 23.71
C ALA A 700 5.95 13.33 23.53
N ALA A 701 6.27 12.96 22.29
CA ALA A 701 6.85 11.64 22.05
C ALA A 701 8.23 11.53 22.74
N ALA A 702 9.04 12.56 22.60
CA ALA A 702 10.34 12.56 23.32
C ALA A 702 10.13 12.32 24.80
N GLU A 703 9.14 13.02 25.38
CA GLU A 703 8.92 12.91 26.82
C GLU A 703 8.50 11.55 27.26
N THR A 704 7.98 10.68 26.37
CA THR A 704 7.65 9.30 26.80
C THR A 704 8.92 8.44 27.06
N LEU A 705 10.04 8.97 26.58
CA LEU A 705 11.35 8.30 26.73
C LEU A 705 12.13 8.87 27.92
N SER A 706 11.71 10.01 28.48
CA SER A 706 12.33 10.46 29.76
C SER A 706 12.15 9.44 30.89
N GLU A 707 12.93 9.58 31.99
CA GLU A 707 12.65 8.74 33.16
C GLU A 707 11.19 8.95 33.57
N VAL A 708 10.55 7.88 34.00
CA VAL A 708 9.10 7.86 34.16
C VAL A 708 8.64 8.60 35.41
N ALA A 709 9.56 8.79 36.35
CA ALA A 709 9.21 9.48 37.61
C ALA A 709 10.52 9.95 38.23
C1 NAG B . -4.38 -27.20 -2.02
C2 NAG B . -5.21 -28.09 -2.92
C3 NAG B . -6.35 -28.75 -2.14
C4 NAG B . -5.89 -29.44 -0.87
C5 NAG B . -4.95 -28.52 -0.12
C6 NAG B . -4.33 -29.22 1.09
C7 NAG B . -5.27 -27.44 -5.26
C8 NAG B . -5.88 -26.59 -6.31
N2 NAG B . -5.75 -27.31 -4.03
O3 NAG B . -6.93 -29.72 -2.97
O4 NAG B . -7.02 -29.67 -0.05
O5 NAG B . -3.92 -28.03 -0.97
O6 NAG B . -3.39 -30.18 0.68
O7 NAG B . -4.35 -28.21 -5.56
C1 NAG B . -7.11 -31.06 0.35
C2 NAG B . -8.03 -31.13 1.57
C3 NAG B . -8.39 -32.56 1.98
C4 NAG B . -8.74 -33.45 0.76
C5 NAG B . -7.68 -33.25 -0.34
C6 NAG B . -7.97 -34.06 -1.61
C7 NAG B . -7.74 -29.26 3.20
C8 NAG B . -8.74 -28.46 2.44
N2 NAG B . -7.38 -30.46 2.69
O3 NAG B . -9.49 -32.49 2.88
O4 NAG B . -8.87 -34.83 1.13
O5 NAG B . -7.61 -31.88 -0.70
O6 NAG B . -9.06 -33.46 -2.29
O7 NAG B . -7.25 -28.82 4.26
C1 NAG C . -21.12 -2.32 -29.92
C2 NAG C . -21.42 -2.76 -31.38
C3 NAG C . -22.85 -2.39 -31.73
C4 NAG C . -23.86 -2.84 -30.68
C5 NAG C . -23.37 -2.53 -29.23
C6 NAG C . -24.24 -3.17 -28.14
C7 NAG C . -19.52 -2.81 -32.93
C8 NAG C . -18.63 -2.05 -33.88
N2 NAG C . -20.50 -2.14 -32.33
O3 NAG C . -23.19 -3.03 -32.95
O4 NAG C . -25.08 -2.17 -30.95
O5 NAG C . -22.03 -2.98 -29.07
O6 NAG C . -24.23 -4.59 -28.16
O7 NAG C . -19.31 -4.00 -32.73
C1 NAG C . -26.19 -3.08 -30.92
C2 NAG C . -27.44 -2.24 -30.65
C3 NAG C . -28.73 -3.06 -30.77
C4 NAG C . -28.72 -4.01 -31.97
C5 NAG C . -27.41 -4.81 -32.00
C6 NAG C . -27.37 -5.84 -33.13
C7 NAG C . -26.91 -0.40 -29.08
C8 NAG C . -26.90 0.01 -27.63
N2 NAG C . -27.35 -1.64 -29.32
O3 NAG C . -29.82 -2.19 -30.94
O4 NAG C . -29.87 -4.84 -31.93
O5 NAG C . -26.31 -3.91 -32.08
O6 NAG C . -27.07 -5.18 -34.34
O7 NAG C . -26.51 0.41 -29.92
C1 NAG D . 22.41 -4.16 15.74
C2 NAG D . 21.65 -3.99 17.07
C3 NAG D . 22.49 -3.10 17.98
C4 NAG D . 23.94 -3.57 18.11
C5 NAG D . 24.55 -3.73 16.72
C6 NAG D . 25.99 -4.28 16.71
C7 NAG D . 19.21 -3.94 17.25
C8 NAG D . 19.32 -5.25 17.91
N2 NAG D . 20.34 -3.37 16.87
O3 NAG D . 21.88 -3.07 19.24
O4 NAG D . 24.64 -2.56 18.77
O5 NAG D . 23.70 -4.67 16.08
O6 NAG D . 25.97 -5.52 17.40
O7 NAG D . 18.07 -3.41 17.07
C1 NAG D . 25.38 -3.09 19.88
C2 NAG D . 26.32 -1.97 20.26
C3 NAG D . 27.13 -2.32 21.49
C4 NAG D . 26.20 -2.82 22.60
C5 NAG D . 25.23 -3.91 22.11
C6 NAG D . 24.19 -4.28 23.16
C7 NAG D . 27.12 -0.54 18.43
C8 NAG D . 25.98 0.41 18.63
N2 NAG D . 27.18 -1.69 19.13
O3 NAG D . 27.86 -1.17 21.89
O4 NAG D . 27.01 -3.34 23.64
O5 NAG D . 24.54 -3.45 20.97
O6 NAG D . 23.52 -3.07 23.51
O7 NAG D . 27.98 -0.25 17.59
C1 BMA D . 27.03 -2.54 24.84
C2 BMA D . 26.92 -3.47 26.04
C3 BMA D . 26.89 -2.65 27.35
C4 BMA D . 28.07 -1.68 27.41
C5 BMA D . 28.25 -0.88 26.11
C6 BMA D . 29.57 -0.12 26.17
O2 BMA D . 28.05 -4.37 26.01
O3 BMA D . 26.85 -3.50 28.51
O4 BMA D . 27.87 -0.77 28.50
O5 BMA D . 28.25 -1.76 24.97
O6 BMA D . 29.61 0.95 25.22
C1 NAG E . 13.02 21.57 24.57
C2 NAG E . 11.60 22.19 24.62
C3 NAG E . 11.71 23.52 25.37
C4 NAG E . 12.34 23.29 26.76
C5 NAG E . 13.65 22.49 26.66
C6 NAG E . 14.08 22.11 28.09
C7 NAG E . 9.71 22.15 23.07
C8 NAG E . 9.29 22.41 21.65
N2 NAG E . 11.02 22.38 23.30
O3 NAG E . 10.42 24.06 25.50
O4 NAG E . 12.71 24.50 27.38
O5 NAG E . 13.38 21.31 25.91
O6 NAG E . 15.40 21.57 28.09
O7 NAG E . 8.92 21.76 23.96
C1 NAG E . 11.63 25.21 27.99
C2 NAG E . 12.07 25.82 29.30
C3 NAG E . 11.04 26.84 29.82
C4 NAG E . 10.63 27.81 28.72
C5 NAG E . 10.16 26.95 27.54
C6 NAG E . 9.55 27.75 26.39
C7 NAG E . 13.56 24.48 30.76
C8 NAG E . 14.77 25.21 30.24
N2 NAG E . 12.32 24.78 30.31
O3 NAG E . 11.55 27.51 30.96
O4 NAG E . 9.50 28.60 29.06
O5 NAG E . 11.28 26.24 27.09
O6 NAG E . 10.55 28.62 25.90
O7 NAG E . 13.74 23.60 31.63
C1 BMA E . 9.87 29.75 29.82
C2 BMA E . 8.94 30.92 29.45
C3 BMA E . 9.22 32.09 30.37
C4 BMA E . 9.07 31.64 31.82
C5 BMA E . 10.00 30.49 32.08
C6 BMA E . 9.87 29.96 33.49
O2 BMA E . 7.56 30.51 29.52
O3 BMA E . 8.24 33.07 30.04
O4 BMA E . 9.39 32.75 32.66
O5 BMA E . 9.67 29.42 31.17
O6 BMA E . 10.66 28.76 33.62
C1 MAN E . 8.78 34.41 29.90
C2 MAN E . 7.56 35.33 29.98
C3 MAN E . 6.70 35.29 28.70
C4 MAN E . 7.53 35.37 27.41
C5 MAN E . 8.68 34.38 27.49
C6 MAN E . 9.57 34.41 26.24
O2 MAN E . 8.01 36.64 30.22
O3 MAN E . 5.75 36.34 28.64
O4 MAN E . 6.73 35.05 26.28
O5 MAN E . 9.46 34.62 28.66
O6 MAN E . 10.36 35.57 26.24
C1 NAG F . -28.01 -7.08 -14.19
C2 NAG F . -29.00 -6.64 -13.12
C3 NAG F . -30.44 -7.09 -13.36
C4 NAG F . -30.85 -7.18 -14.85
C5 NAG F . -29.68 -7.66 -15.72
C6 NAG F . -29.98 -7.75 -17.23
C7 NAG F . -28.16 -6.34 -10.84
C8 NAG F . -28.54 -4.90 -10.92
N2 NAG F . -28.50 -7.14 -11.85
O3 NAG F . -31.27 -6.13 -12.76
O4 NAG F . -31.98 -8.01 -15.02
O5 NAG F . -28.55 -6.81 -15.46
O6 NAG F . -30.41 -6.53 -17.83
O7 NAG F . -27.55 -6.76 -9.87
C1 NAG G . -15.66 25.21 -17.12
C2 NAG G . -15.72 26.57 -16.43
C3 NAG G . -16.90 26.59 -15.47
C4 NAG G . -18.20 26.31 -16.23
C5 NAG G . -18.04 24.93 -16.89
C6 NAG G . -19.33 24.41 -17.53
C7 NAG G . -13.55 27.75 -16.13
C8 NAG G . -12.45 28.07 -15.16
N2 NAG G . -14.49 26.89 -15.69
O3 NAG G . -16.95 27.85 -14.83
O4 NAG G . -19.30 26.33 -15.35
O5 NAG G . -16.91 24.94 -17.77
O6 NAG G . -19.75 25.16 -18.64
O7 NAG G . -13.54 28.26 -17.26
C1 NAG H . 15.42 -11.42 -13.89
C2 NAG H . 14.58 -10.45 -14.71
C3 NAG H . 15.15 -10.25 -16.14
C4 NAG H . 16.64 -9.88 -16.09
C5 NAG H . 17.37 -10.95 -15.27
C6 NAG H . 18.86 -10.61 -15.17
C7 NAG H . 12.21 -10.10 -14.23
C8 NAG H . 10.80 -10.53 -14.32
N2 NAG H . 13.19 -10.91 -14.67
O3 NAG H . 14.53 -9.14 -16.75
O4 NAG H . 17.23 -9.66 -17.39
O5 NAG H . 16.80 -11.05 -13.95
O6 NAG H . 19.03 -9.27 -14.77
O7 NAG H . 12.45 -8.99 -13.79
ZN ZN I . -3.54 -5.74 -5.35
ZN ZN J . -2.13 -7.18 -2.76
CA CA K . -15.93 -0.34 9.83
CL CL L . 4.02 -6.01 1.35
I18 YBY M . 4.75 1.55 -4.95
C17 YBY M . 3.75 -0.26 -5.47
C16 YBY M . 2.40 -0.41 -5.10
C19 YBY M . 4.37 -1.31 -6.16
O20 YBY M . 5.70 -1.22 -6.52
C21 YBY M . 3.68 -2.47 -6.49
C22 YBY M . 2.33 -2.59 -6.12
C15 YBY M . 1.70 -1.56 -5.42
C14 YBY M . 0.25 -1.69 -4.99
C13 YBY M . -0.02 -2.99 -4.19
C23 YBY M . 1.09 -3.30 -3.21
O25 YBY M . 1.18 -2.55 -2.21
O24 YBY M . 1.78 -4.32 -3.42
N12 YBY M . -1.21 -2.61 -3.43
C11 YBY M . -2.42 -2.81 -3.93
O26 YBY M . -2.71 -3.31 -5.04
N10 YBY M . -3.46 -2.45 -3.12
C6 YBY M . -4.81 -2.42 -3.68
C7 YBY M . -4.68 -1.38 -4.82
O9 YBY M . -3.72 -0.55 -4.92
O8 YBY M . -5.55 -1.40 -5.74
C5 YBY M . -5.81 -1.75 -2.71
C4 YBY M . -5.23 -0.48 -2.03
C2 YBY M . -6.24 0.38 -1.27
O1 YBY M . -7.46 0.27 -1.54
O3 YBY M . -5.76 1.20 -0.43
#